data_7UKR
#
_entry.id   7UKR
#
_cell.length_a   77.719
_cell.length_b   148.220
_cell.length_c   52.418
_cell.angle_alpha   90.000
_cell.angle_beta   108.269
_cell.angle_gamma   90.000
#
_symmetry.space_group_name_H-M   'P 1 21 1'
#
loop_
_entity.id
_entity.type
_entity.pdbx_description
1 polymer 'Son of sevenless homolog 1'
2 non-polymer 2-methyl-3-[(1R)-1-{[4-methyl-7-(morpholin-4-yl)pyrido[3,4-d]pyridazin-1-yl]amino}ethyl]benzonitrile
3 water water
#
_entity_poly.entity_id   1
_entity_poly.type   'polypeptide(L)'
_entity_poly.pdbx_seq_one_letter_code
;GEEQMRLPSADVYRFAEPDSEENIIFEENMQPKAGIPIIKAGTVIKLIERLTYHMYADPNFVRTFLTTYRSFCKPQELLS
LIIERFEIPEPEPTEADRIAIENGDQPLSAELKRFRKEYIQPVQLRVLNVCRHWVEHHFYDFERDAYLLQRMEEFIGTVR
GKAMKKWVESITKIIQRKKIARDNGPGHNITFQSSPPTVEWHISRPGHIETFDLLTLHPIEIARQLTLLESDLYRAVQPS
ELVGSVWTKEDKEINSPNLLKMIRHTTNLTLWFEKCIVETENLEERVAVVSRIIEILQVFQELNNFNGVLEVVSAMNSSP
VYRLDHTFEQIPSRQKKILEEAHELSEDHYKKYLAKLRSINPPCVPFFGIYLTNILKTEEGNPEVLKRHGKELINFSKRR
KVAEITGEIQQYQNQPYCLRVESDIKRFFENLNPMGNSMEKEFTDYLFNKSLEIEPRNPKPLPRFPKKYSYPLKSPGVRP
SNPRPGT
;
_entity_poly.pdbx_strand_id   A,B
#
# COMPACT_ATOMS: atom_id res chain seq x y z
N ARG A 6 18.04 -8.91 55.02
CA ARG A 6 18.29 -8.03 53.89
C ARG A 6 17.00 -7.75 53.12
N LEU A 7 16.28 -8.82 52.79
CA LEU A 7 15.04 -8.70 52.04
C LEU A 7 13.90 -8.23 52.93
N PRO A 8 12.89 -7.56 52.37
CA PRO A 8 11.75 -7.11 53.19
C PRO A 8 10.82 -8.24 53.59
N SER A 9 9.60 -7.90 53.97
CA SER A 9 8.61 -8.88 54.39
C SER A 9 7.61 -9.16 53.28
N ALA A 10 6.72 -10.13 53.52
CA ALA A 10 5.73 -10.50 52.52
C ALA A 10 4.59 -9.49 52.44
N ASP A 11 4.21 -8.88 53.56
CA ASP A 11 3.13 -7.89 53.54
C ASP A 11 3.55 -6.64 52.79
N VAL A 12 4.80 -6.23 52.92
CA VAL A 12 5.26 -5.03 52.22
C VAL A 12 5.65 -5.34 50.78
N TYR A 13 6.13 -6.55 50.51
CA TYR A 13 6.60 -6.93 49.18
C TYR A 13 6.23 -8.38 48.94
N ARG A 14 5.31 -8.61 48.00
CA ARG A 14 4.85 -9.97 47.72
C ARG A 14 5.96 -10.85 47.17
N PHE A 15 7.00 -10.26 46.58
CA PHE A 15 8.14 -11.01 46.06
C PHE A 15 9.19 -11.32 47.11
N ALA A 16 8.77 -11.56 48.36
CA ALA A 16 9.69 -11.84 49.44
C ALA A 16 9.76 -13.31 49.82
N GLU A 17 8.73 -14.09 49.47
CA GLU A 17 8.76 -15.52 49.77
C GLU A 17 9.89 -16.18 48.97
N PRO A 18 10.77 -16.94 49.61
CA PRO A 18 11.89 -17.54 48.89
C PRO A 18 11.45 -18.67 47.98
N ASP A 19 12.40 -19.15 47.19
CA ASP A 19 12.13 -20.27 46.29
C ASP A 19 11.96 -21.55 47.08
N SER A 20 11.03 -22.39 46.65
CA SER A 20 10.75 -23.67 47.31
C SER A 20 10.15 -24.62 46.28
N GLU A 21 9.61 -25.73 46.76
CA GLU A 21 8.95 -26.68 45.87
C GLU A 21 7.55 -26.22 45.47
N GLU A 22 6.97 -25.29 46.21
CA GLU A 22 5.65 -24.74 45.90
C GLU A 22 5.71 -23.49 45.05
N ASN A 23 6.89 -23.08 44.61
CA ASN A 23 7.04 -21.90 43.77
C ASN A 23 8.38 -21.99 43.06
N ILE A 24 8.36 -21.94 41.72
CA ILE A 24 9.53 -22.08 40.86
C ILE A 24 10.03 -23.53 40.89
N ILE A 25 10.16 -24.13 39.71
CA ILE A 25 10.76 -25.45 39.53
C ILE A 25 11.69 -25.37 38.33
N PHE A 26 12.95 -25.78 38.52
CA PHE A 26 13.97 -25.67 37.49
C PHE A 26 14.24 -27.02 36.85
N GLU A 27 15.24 -27.08 36.00
CA GLU A 27 15.65 -28.29 35.31
C GLU A 27 17.07 -28.65 35.72
N GLU A 28 17.65 -29.62 35.01
CA GLU A 28 19.01 -30.07 35.30
C GLU A 28 20.03 -29.15 34.64
N ASN A 29 21.15 -28.95 35.33
CA ASN A 29 22.21 -28.10 34.82
C ASN A 29 23.14 -28.86 33.88
N PRO A 37 20.00 -20.55 35.74
CA PRO A 37 19.26 -21.80 35.53
C PRO A 37 18.17 -21.67 34.47
N ILE A 38 17.52 -22.78 34.14
CA ILE A 38 16.41 -22.80 33.19
C ILE A 38 15.14 -23.15 33.96
N ILE A 39 14.15 -22.28 33.88
CA ILE A 39 12.91 -22.45 34.64
C ILE A 39 11.99 -23.41 33.90
N LYS A 40 11.39 -24.34 34.64
CA LYS A 40 10.42 -25.28 34.10
C LYS A 40 8.98 -24.97 34.50
N ALA A 41 8.77 -24.45 35.71
CA ALA A 41 7.42 -24.14 36.18
C ALA A 41 7.53 -23.09 37.29
N GLY A 42 6.40 -22.77 37.91
CA GLY A 42 6.37 -21.79 38.98
C GLY A 42 5.15 -20.88 38.91
N THR A 43 4.97 -20.04 39.91
CA THR A 43 3.86 -19.10 39.94
C THR A 43 4.22 -17.82 39.18
N VAL A 44 3.18 -17.07 38.80
CA VAL A 44 3.38 -15.85 38.04
C VAL A 44 4.16 -14.82 38.86
N ILE A 45 3.96 -14.81 40.18
CA ILE A 45 4.72 -13.91 41.05
C ILE A 45 6.21 -14.25 40.98
N LYS A 46 6.53 -15.54 40.99
CA LYS A 46 7.92 -15.97 40.87
C LYS A 46 8.44 -15.83 39.44
N LEU A 47 7.57 -15.96 38.44
CA LEU A 47 7.99 -15.78 37.06
C LEU A 47 8.43 -14.34 36.80
N ILE A 48 7.75 -13.37 37.43
CA ILE A 48 8.16 -11.98 37.29
C ILE A 48 9.44 -11.71 38.07
N GLU A 49 9.59 -12.35 39.24
CA GLU A 49 10.78 -12.14 40.05
C GLU A 49 12.04 -12.61 39.32
N ARG A 50 11.98 -13.82 38.74
CA ARG A 50 13.13 -14.33 38.00
C ARG A 50 13.29 -13.58 36.67
N LEU A 51 12.21 -13.09 36.09
CA LEU A 51 12.31 -12.26 34.90
C LEU A 51 13.06 -10.97 35.19
N THR A 52 12.99 -10.49 36.43
CA THR A 52 13.70 -9.30 36.84
C THR A 52 14.62 -9.61 38.02
N TYR A 53 15.53 -10.56 37.83
CA TYR A 53 16.42 -10.99 38.90
C TYR A 53 17.58 -10.02 39.05
N HIS A 54 18.03 -9.85 40.29
CA HIS A 54 19.06 -8.87 40.62
C HIS A 54 20.47 -9.42 40.55
N MET A 55 20.65 -10.74 40.51
CA MET A 55 21.98 -11.32 40.49
C MET A 55 22.56 -11.46 39.08
N TYR A 56 21.71 -11.51 38.06
CA TYR A 56 22.17 -11.69 36.70
C TYR A 56 21.03 -11.34 35.74
N ALA A 57 21.38 -11.15 34.48
CA ALA A 57 20.42 -10.90 33.42
C ALA A 57 20.12 -12.19 32.67
N ASP A 58 18.92 -12.27 32.10
CA ASP A 58 18.46 -13.46 31.38
C ASP A 58 17.66 -13.03 30.17
N PRO A 59 18.34 -12.74 29.05
CA PRO A 59 17.60 -12.32 27.85
C PRO A 59 16.75 -13.42 27.23
N ASN A 60 17.15 -14.68 27.36
CA ASN A 60 16.35 -15.77 26.82
C ASN A 60 15.01 -15.88 27.55
N PHE A 61 15.01 -15.63 28.86
CA PHE A 61 13.75 -15.65 29.60
C PHE A 61 12.86 -14.49 29.19
N VAL A 62 13.44 -13.32 28.93
CA VAL A 62 12.65 -12.15 28.56
C VAL A 62 11.99 -12.34 27.20
N ARG A 63 12.73 -12.87 26.23
CA ARG A 63 12.18 -13.03 24.89
C ARG A 63 11.11 -14.12 24.86
N THR A 64 11.30 -15.19 25.62
CA THR A 64 10.31 -16.26 25.65
C THR A 64 9.08 -15.84 26.46
N PHE A 65 9.27 -15.07 27.53
CA PHE A 65 8.15 -14.65 28.35
C PHE A 65 7.23 -13.70 27.60
N LEU A 66 7.78 -12.58 27.11
CA LEU A 66 6.95 -11.59 26.42
C LEU A 66 6.30 -12.13 25.17
N THR A 67 6.81 -13.23 24.62
CA THR A 67 6.16 -13.86 23.48
C THR A 67 5.01 -14.77 23.90
N THR A 68 5.11 -15.38 25.09
CA THR A 68 4.13 -16.37 25.52
C THR A 68 3.46 -16.02 26.84
N TYR A 69 3.60 -14.79 27.33
CA TYR A 69 2.98 -14.45 28.61
C TYR A 69 1.46 -14.38 28.49
N ARG A 70 0.94 -14.09 27.30
CA ARG A 70 -0.49 -13.98 27.10
C ARG A 70 -1.21 -15.32 27.24
N SER A 71 -0.47 -16.43 27.25
CA SER A 71 -1.07 -17.74 27.45
C SER A 71 -1.36 -18.03 28.92
N PHE A 72 -0.74 -17.29 29.84
CA PHE A 72 -0.99 -17.49 31.26
C PHE A 72 -1.17 -16.20 32.04
N CYS A 73 -1.08 -15.03 31.40
CA CYS A 73 -1.25 -13.76 32.07
C CYS A 73 -1.82 -12.75 31.09
N LYS A 74 -2.58 -11.79 31.61
CA LYS A 74 -3.18 -10.84 30.70
C LYS A 74 -2.33 -9.57 30.63
N PRO A 75 -2.34 -8.89 29.47
CA PRO A 75 -1.50 -7.68 29.33
C PRO A 75 -1.78 -6.62 30.37
N GLN A 76 -3.05 -6.40 30.72
CA GLN A 76 -3.36 -5.44 31.78
C GLN A 76 -2.86 -5.93 33.12
N GLU A 77 -2.88 -7.24 33.35
CA GLU A 77 -2.37 -7.80 34.60
C GLU A 77 -0.85 -7.81 34.66
N LEU A 78 -0.19 -7.97 33.52
CA LEU A 78 1.27 -7.98 33.50
C LEU A 78 1.84 -6.62 33.88
N LEU A 79 1.25 -5.55 33.33
CA LEU A 79 1.73 -4.21 33.65
C LEU A 79 1.57 -3.90 35.13
N SER A 80 0.49 -4.38 35.74
CA SER A 80 0.31 -4.19 37.18
C SER A 80 1.32 -4.98 38.00
N LEU A 81 1.87 -6.06 37.45
CA LEU A 81 2.86 -6.86 38.18
C LEU A 81 4.25 -6.25 38.09
N ILE A 82 4.65 -5.76 36.91
CA ILE A 82 5.98 -5.17 36.77
C ILE A 82 6.06 -3.84 37.50
N ILE A 83 4.93 -3.14 37.65
CA ILE A 83 4.93 -1.91 38.44
C ILE A 83 4.95 -2.23 39.93
N GLU A 84 4.20 -3.26 40.33
CA GLU A 84 4.24 -3.69 41.73
C GLU A 84 5.62 -4.19 42.11
N ARG A 85 6.28 -4.92 41.20
CA ARG A 85 7.64 -5.38 41.45
C ARG A 85 8.65 -4.25 41.41
N PHE A 86 8.35 -3.17 40.69
CA PHE A 86 9.26 -2.03 40.61
C PHE A 86 9.21 -1.19 41.89
N GLU A 87 8.02 -0.95 42.43
CA GLU A 87 7.83 -0.11 43.61
C GLU A 87 8.12 -0.95 44.85
N ILE A 88 9.41 -1.11 45.14
CA ILE A 88 9.85 -1.90 46.29
C ILE A 88 9.90 -1.00 47.52
N PRO A 89 9.23 -1.36 48.63
CA PRO A 89 9.25 -0.55 49.85
C PRO A 89 10.59 -0.64 50.58
N SER A 109 23.52 2.32 58.25
CA SER A 109 23.23 2.09 56.84
C SER A 109 24.23 1.13 56.22
N ALA A 110 24.76 0.21 57.04
CA ALA A 110 25.69 -0.79 56.54
C ALA A 110 25.01 -1.73 55.55
N GLU A 111 23.70 -1.91 55.67
CA GLU A 111 22.93 -2.71 54.73
C GLU A 111 21.86 -1.92 53.99
N LEU A 112 21.46 -0.76 54.50
CA LEU A 112 20.45 0.05 53.81
C LEU A 112 21.00 0.59 52.48
N LYS A 113 22.24 1.08 52.49
CA LYS A 113 22.86 1.52 51.25
C LYS A 113 23.21 0.33 50.35
N ARG A 114 23.42 -0.85 50.95
CA ARG A 114 23.70 -2.04 50.16
C ARG A 114 22.42 -2.60 49.55
N PHE A 115 21.31 -2.57 50.29
CA PHE A 115 20.04 -3.05 49.76
C PHE A 115 19.58 -2.20 48.59
N ARG A 116 19.95 -0.91 48.56
CA ARG A 116 19.59 -0.07 47.43
C ARG A 116 20.45 -0.33 46.21
N LYS A 117 21.60 -1.00 46.38
CA LYS A 117 22.49 -1.30 45.27
C LYS A 117 22.49 -2.77 44.88
N GLU A 118 22.20 -3.68 45.81
CA GLU A 118 22.19 -5.10 45.51
C GLU A 118 20.80 -5.62 45.13
N TYR A 119 19.75 -4.85 45.41
CA TYR A 119 18.39 -5.32 45.16
C TYR A 119 17.54 -4.26 44.48
N ILE A 120 17.50 -3.06 45.05
CA ILE A 120 16.62 -2.01 44.53
C ILE A 120 17.05 -1.60 43.13
N GLN A 121 18.28 -1.10 43.01
CA GLN A 121 18.76 -0.62 41.71
C GLN A 121 18.79 -1.70 40.63
N PRO A 122 19.34 -2.89 40.85
CA PRO A 122 19.40 -3.86 39.74
C PRO A 122 18.03 -4.37 39.32
N VAL A 123 17.10 -4.56 40.26
CA VAL A 123 15.77 -5.01 39.91
C VAL A 123 15.04 -3.93 39.11
N GLN A 124 15.20 -2.66 39.52
CA GLN A 124 14.58 -1.57 38.77
C GLN A 124 15.13 -1.48 37.34
N LEU A 125 16.39 -1.84 37.14
CA LEU A 125 16.95 -1.85 35.79
C LEU A 125 16.41 -3.02 34.99
N ARG A 126 16.18 -4.16 35.63
CA ARG A 126 15.65 -5.31 34.92
C ARG A 126 14.20 -5.10 34.50
N VAL A 127 13.43 -4.37 35.30
CA VAL A 127 12.05 -4.06 34.92
C VAL A 127 12.02 -3.18 33.68
N LEU A 128 12.87 -2.14 33.65
CA LEU A 128 12.92 -1.26 32.48
C LEU A 128 13.47 -1.98 31.27
N ASN A 129 14.31 -3.01 31.47
CA ASN A 129 14.79 -3.80 30.34
C ASN A 129 13.66 -4.58 29.70
N VAL A 130 12.75 -5.12 30.51
CA VAL A 130 11.57 -5.80 29.97
C VAL A 130 10.67 -4.80 29.27
N CYS A 131 10.54 -3.59 29.81
CA CYS A 131 9.73 -2.56 29.18
C CYS A 131 10.29 -2.19 27.80
N ARG A 132 11.61 -2.18 27.67
CA ARG A 132 12.23 -1.96 26.37
C ARG A 132 11.84 -3.05 25.38
N HIS A 133 12.04 -4.31 25.76
CA HIS A 133 11.69 -5.42 24.88
C HIS A 133 10.20 -5.53 24.65
N TRP A 134 9.38 -5.01 25.56
CA TRP A 134 7.93 -5.10 25.40
C TRP A 134 7.44 -4.14 24.33
N VAL A 135 7.86 -2.87 24.39
CA VAL A 135 7.41 -1.89 23.42
C VAL A 135 8.10 -2.10 22.07
N GLU A 136 9.35 -2.55 22.08
CA GLU A 136 10.10 -2.69 20.84
C GLU A 136 9.54 -3.80 19.96
N HIS A 137 9.28 -4.98 20.56
CA HIS A 137 8.91 -6.15 19.78
C HIS A 137 7.47 -6.60 19.96
N HIS A 138 6.78 -6.12 20.99
CA HIS A 138 5.40 -6.51 21.26
C HIS A 138 4.51 -5.28 21.40
N PHE A 139 4.69 -4.30 20.49
CA PHE A 139 3.91 -3.08 20.57
C PHE A 139 2.45 -3.28 20.20
N TYR A 140 2.11 -4.40 19.58
CA TYR A 140 0.71 -4.66 19.22
C TYR A 140 -0.18 -4.75 20.45
N ASP A 141 0.38 -5.08 21.63
CA ASP A 141 -0.43 -5.10 22.84
C ASP A 141 -0.86 -3.69 23.23
N PHE A 142 -0.11 -2.67 22.83
CA PHE A 142 -0.41 -1.30 23.20
C PHE A 142 -1.37 -0.62 22.21
N GLU A 143 -1.21 -0.89 20.92
CA GLU A 143 -2.12 -0.35 19.92
C GLU A 143 -3.44 -1.10 19.86
N ARG A 144 -3.59 -2.17 20.64
CA ARG A 144 -4.88 -2.84 20.82
C ARG A 144 -5.57 -2.45 22.12
N ASP A 145 -4.87 -1.78 23.03
CA ASP A 145 -5.44 -1.33 24.30
C ASP A 145 -4.83 0.03 24.61
N ALA A 146 -5.59 1.10 24.37
CA ALA A 146 -5.09 2.44 24.61
C ALA A 146 -4.86 2.71 26.10
N TYR A 147 -5.71 2.13 26.96
CA TYR A 147 -5.51 2.32 28.39
C TYR A 147 -4.23 1.66 28.87
N LEU A 148 -3.81 0.57 28.23
CA LEU A 148 -2.57 -0.09 28.60
C LEU A 148 -1.37 0.77 28.25
N LEU A 149 -1.42 1.46 27.10
CA LEU A 149 -0.30 2.31 26.69
C LEU A 149 -0.23 3.57 27.54
N GLN A 150 -1.39 4.11 27.93
CA GLN A 150 -1.40 5.30 28.78
C GLN A 150 -0.78 5.02 30.14
N ARG A 151 -1.07 3.84 30.71
CA ARG A 151 -0.48 3.48 31.99
C ARG A 151 1.03 3.28 31.87
N MET A 152 1.48 2.73 30.74
CA MET A 152 2.92 2.53 30.54
C MET A 152 3.65 3.87 30.46
N GLU A 153 3.09 4.84 29.74
CA GLU A 153 3.71 6.15 29.65
C GLU A 153 3.69 6.87 30.99
N GLU A 154 2.67 6.63 31.82
CA GLU A 154 2.61 7.26 33.14
C GLU A 154 3.63 6.64 34.09
N PHE A 155 3.84 5.32 33.99
CA PHE A 155 4.81 4.66 34.86
C PHE A 155 6.23 5.08 34.52
N ILE A 156 6.57 5.10 33.23
CA ILE A 156 7.91 5.53 32.81
C ILE A 156 8.15 6.98 33.18
N GLY A 157 7.11 7.81 33.16
CA GLY A 157 7.26 9.19 33.56
C GLY A 157 7.55 9.38 35.04
N THR A 158 7.03 8.47 35.87
CA THR A 158 7.27 8.56 37.31
C THR A 158 8.66 8.09 37.71
N VAL A 159 9.32 7.30 36.88
CA VAL A 159 10.67 6.82 37.17
C VAL A 159 11.62 7.99 37.18
N ARG A 160 11.98 8.47 38.37
CA ARG A 160 12.86 9.63 38.51
C ARG A 160 14.17 9.25 39.18
N GLY A 161 14.79 8.16 38.73
CA GLY A 161 16.06 7.71 39.28
C GLY A 161 17.23 8.55 38.81
N LYS A 162 18.39 7.91 38.74
CA LYS A 162 19.60 8.58 38.27
C LYS A 162 20.27 7.73 37.20
N ALA A 163 20.46 6.44 37.49
CA ALA A 163 21.04 5.53 36.50
C ALA A 163 20.00 5.01 35.52
N MET A 164 18.71 5.07 35.85
CA MET A 164 17.64 4.63 34.97
C MET A 164 17.26 5.67 33.94
N LYS A 165 18.10 6.70 33.72
CA LYS A 165 17.74 7.76 32.79
C LYS A 165 17.89 7.30 31.35
N LYS A 166 19.01 6.64 31.02
CA LYS A 166 19.23 6.19 29.66
C LYS A 166 18.22 5.12 29.25
N TRP A 167 17.70 4.35 30.21
CA TRP A 167 16.67 3.37 29.90
C TRP A 167 15.33 4.07 29.64
N VAL A 168 14.99 5.05 30.48
CA VAL A 168 13.75 5.80 30.28
C VAL A 168 13.78 6.54 28.94
N GLU A 169 14.95 7.09 28.59
CA GLU A 169 15.09 7.77 27.31
C GLU A 169 14.87 6.81 26.14
N SER A 170 15.40 5.59 26.25
CA SER A 170 15.21 4.62 25.19
C SER A 170 13.76 4.16 25.09
N ILE A 171 13.11 3.96 26.23
CA ILE A 171 11.71 3.54 26.22
C ILE A 171 10.83 4.61 25.60
N THR A 172 11.04 5.87 25.99
CA THR A 172 10.25 6.96 25.45
C THR A 172 10.50 7.13 23.95
N LYS A 173 11.74 6.94 23.50
CA LYS A 173 12.04 7.05 22.08
C LYS A 173 11.34 5.96 21.28
N ILE A 174 11.33 4.73 21.79
CA ILE A 174 10.69 3.63 21.07
C ILE A 174 9.18 3.83 21.01
N ILE A 175 8.60 4.38 22.07
CA ILE A 175 7.15 4.59 22.10
C ILE A 175 6.74 5.61 21.04
N GLN A 176 7.40 6.77 21.02
CA GLN A 176 7.07 7.79 20.03
C GLN A 176 7.39 7.32 18.61
N ARG A 177 8.41 6.49 18.45
CA ARG A 177 8.73 5.95 17.14
C ARG A 177 7.64 4.99 16.66
N LYS A 178 7.04 4.23 17.59
CA LYS A 178 6.01 3.28 17.20
C LYS A 178 4.69 3.98 16.91
N LYS A 179 4.39 5.06 17.65
CA LYS A 179 3.13 5.77 17.44
C LYS A 179 3.12 6.53 16.12
N ILE A 180 4.28 7.00 15.67
CA ILE A 180 4.36 7.67 14.37
C ILE A 180 4.41 6.66 13.24
N ALA A 181 4.92 5.46 13.50
CA ALA A 181 5.00 4.42 12.48
C ALA A 181 3.61 3.99 12.02
N SER A 194 19.99 -3.95 -5.33
CA SER A 194 20.07 -4.14 -6.76
C SER A 194 18.81 -3.65 -7.46
N SER A 195 18.65 -4.01 -8.73
CA SER A 195 17.51 -3.60 -9.53
C SER A 195 16.62 -4.80 -9.83
N PRO A 196 15.32 -4.71 -9.57
CA PRO A 196 14.41 -5.82 -9.89
C PRO A 196 14.33 -6.04 -11.39
N PRO A 197 13.96 -7.24 -11.82
CA PRO A 197 13.89 -7.53 -13.26
C PRO A 197 12.58 -7.00 -13.85
N THR A 198 12.47 -7.13 -15.17
CA THR A 198 11.35 -6.56 -15.90
C THR A 198 10.08 -7.37 -15.65
N VAL A 199 8.95 -6.67 -15.58
CA VAL A 199 7.66 -7.33 -15.41
C VAL A 199 7.26 -8.00 -16.71
N GLU A 200 6.91 -9.28 -16.63
CA GLU A 200 6.54 -10.06 -17.80
C GLU A 200 5.05 -9.96 -18.07
N TRP A 201 4.68 -9.91 -19.35
CA TRP A 201 3.29 -9.83 -19.79
C TRP A 201 3.06 -10.84 -20.90
N HIS A 202 1.81 -11.32 -21.01
CA HIS A 202 1.48 -12.33 -22.01
C HIS A 202 0.37 -11.79 -22.88
N ILE A 203 -0.87 -12.23 -22.71
CA ILE A 203 -1.98 -11.78 -23.56
C ILE A 203 -2.59 -10.48 -23.05
N SER A 204 -2.92 -10.43 -21.76
CA SER A 204 -3.48 -9.22 -21.16
C SER A 204 -2.45 -8.11 -21.18
N ARG A 205 -2.73 -7.04 -21.91
CA ARG A 205 -1.84 -5.89 -21.95
C ARG A 205 -1.85 -5.18 -20.60
N PRO A 206 -0.76 -4.49 -20.24
CA PRO A 206 -0.70 -3.81 -18.95
C PRO A 206 -1.78 -2.73 -18.85
N GLY A 207 -2.40 -2.66 -17.67
CA GLY A 207 -3.46 -1.71 -17.41
C GLY A 207 -4.86 -2.25 -17.62
N HIS A 208 -5.01 -3.31 -18.40
CA HIS A 208 -6.33 -3.89 -18.68
C HIS A 208 -6.60 -5.02 -17.68
N ILE A 209 -6.90 -4.61 -16.45
CA ILE A 209 -7.14 -5.57 -15.38
C ILE A 209 -8.40 -6.40 -15.62
N GLU A 210 -9.31 -5.94 -16.48
CA GLU A 210 -10.55 -6.65 -16.71
C GLU A 210 -10.34 -7.95 -17.49
N THR A 211 -9.18 -8.13 -18.11
CA THR A 211 -8.88 -9.33 -18.87
C THR A 211 -7.88 -10.25 -18.15
N PHE A 212 -7.54 -9.93 -16.90
CA PHE A 212 -6.57 -10.74 -16.17
C PHE A 212 -7.17 -12.10 -15.84
N ASP A 213 -6.43 -13.16 -16.15
CA ASP A 213 -6.85 -14.52 -15.84
C ASP A 213 -5.60 -15.40 -15.78
N LEU A 214 -5.81 -16.67 -15.45
CA LEU A 214 -4.68 -17.58 -15.28
C LEU A 214 -3.93 -17.79 -16.59
N LEU A 215 -4.65 -17.87 -17.70
CA LEU A 215 -4.03 -18.09 -19.01
C LEU A 215 -3.68 -16.81 -19.73
N THR A 216 -4.32 -15.70 -19.38
CA THR A 216 -4.01 -14.43 -20.04
C THR A 216 -2.80 -13.74 -19.44
N LEU A 217 -2.60 -13.88 -18.13
CA LEU A 217 -1.42 -13.32 -17.48
C LEU A 217 -0.23 -14.25 -17.67
N HIS A 218 0.96 -13.66 -17.59
CA HIS A 218 2.18 -14.44 -17.75
C HIS A 218 2.38 -15.31 -16.51
N PRO A 219 2.67 -16.60 -16.67
CA PRO A 219 2.86 -17.45 -15.48
C PRO A 219 4.08 -17.05 -14.66
N ILE A 220 5.09 -16.45 -15.27
CA ILE A 220 6.21 -15.93 -14.51
C ILE A 220 5.76 -14.81 -13.58
N GLU A 221 4.93 -13.91 -14.09
CA GLU A 221 4.46 -12.78 -13.29
C GLU A 221 3.41 -13.18 -12.28
N ILE A 222 2.62 -14.21 -12.58
CA ILE A 222 1.64 -14.71 -11.62
C ILE A 222 2.34 -15.19 -10.35
N ALA A 223 3.41 -15.96 -10.52
CA ALA A 223 4.13 -16.47 -9.36
C ALA A 223 4.89 -15.37 -8.65
N ARG A 224 5.48 -14.43 -9.40
CA ARG A 224 6.19 -13.31 -8.78
C ARG A 224 5.27 -12.51 -7.87
N GLN A 225 4.11 -12.09 -8.39
CA GLN A 225 3.20 -11.27 -7.61
C GLN A 225 2.59 -12.05 -6.45
N LEU A 226 2.25 -13.31 -6.67
CA LEU A 226 1.77 -14.14 -5.57
C LEU A 226 2.86 -14.38 -4.53
N THR A 227 4.13 -14.43 -4.96
CA THR A 227 5.21 -14.56 -4.00
C THR A 227 5.36 -13.28 -3.17
N LEU A 228 5.33 -12.12 -3.83
CA LEU A 228 5.36 -10.86 -3.10
C LEU A 228 4.15 -10.71 -2.20
N LEU A 229 2.99 -11.20 -2.65
CA LEU A 229 1.77 -11.11 -1.85
C LEU A 229 1.85 -12.02 -0.63
N GLU A 230 2.32 -13.26 -0.82
CA GLU A 230 2.40 -14.20 0.30
C GLU A 230 3.57 -13.89 1.22
N SER A 231 4.64 -13.31 0.70
CA SER A 231 5.76 -12.92 1.55
C SER A 231 5.33 -11.86 2.57
N ASP A 232 4.57 -10.86 2.12
CA ASP A 232 4.07 -9.84 3.04
C ASP A 232 3.10 -10.43 4.06
N LEU A 233 2.24 -11.35 3.61
CA LEU A 233 1.35 -12.04 4.55
C LEU A 233 2.14 -12.86 5.56
N TYR A 234 3.29 -13.40 5.16
CA TYR A 234 4.10 -14.17 6.08
C TYR A 234 4.87 -13.27 7.04
N ARG A 235 5.49 -12.20 6.52
CA ARG A 235 6.27 -11.31 7.36
C ARG A 235 5.41 -10.56 8.38
N ALA A 236 4.11 -10.49 8.17
CA ALA A 236 3.20 -9.77 9.07
C ALA A 236 2.74 -10.62 10.25
N VAL A 237 3.02 -11.91 10.26
CA VAL A 237 2.56 -12.80 11.32
C VAL A 237 3.48 -12.66 12.52
N GLN A 238 2.89 -12.35 13.69
CA GLN A 238 3.66 -12.28 14.93
C GLN A 238 3.64 -13.63 15.64
N PRO A 239 4.72 -13.97 16.35
CA PRO A 239 4.78 -15.30 16.99
C PRO A 239 3.74 -15.50 18.06
N SER A 240 3.26 -14.43 18.70
CA SER A 240 2.24 -14.58 19.73
C SER A 240 0.90 -14.99 19.16
N GLU A 241 0.69 -14.86 17.84
CA GLU A 241 -0.53 -15.32 17.20
C GLU A 241 -0.59 -16.83 17.06
N LEU A 242 0.46 -17.54 17.46
CA LEU A 242 0.51 -19.00 17.39
C LEU A 242 0.59 -19.66 18.75
N VAL A 243 0.67 -18.88 19.83
CA VAL A 243 0.85 -19.42 21.17
C VAL A 243 -0.52 -19.70 21.78
N GLY A 244 -0.68 -20.88 22.34
CA GLY A 244 -1.92 -21.22 23.03
C GLY A 244 -3.08 -21.56 22.11
N SER A 245 -2.81 -21.82 20.84
CA SER A 245 -3.84 -22.09 19.85
C SER A 245 -4.89 -20.98 19.81
N VAL A 246 -4.42 -19.73 19.87
CA VAL A 246 -5.32 -18.59 19.92
C VAL A 246 -6.06 -18.39 18.60
N TRP A 247 -5.56 -18.95 17.50
CA TRP A 247 -6.24 -18.85 16.21
C TRP A 247 -7.36 -19.86 16.06
N THR A 248 -7.57 -20.73 17.05
CA THR A 248 -8.64 -21.72 17.02
C THR A 248 -9.59 -21.55 18.19
N LYS A 249 -9.64 -20.36 18.80
CA LYS A 249 -10.48 -20.12 19.96
C LYS A 249 -11.56 -19.10 19.65
N GLU A 250 -12.09 -18.46 20.70
CA GLU A 250 -13.18 -17.50 20.52
C GLU A 250 -12.69 -16.24 19.80
N ASP A 251 -11.77 -15.51 20.43
CA ASP A 251 -11.25 -14.26 19.86
C ASP A 251 -10.03 -14.59 19.00
N LYS A 252 -10.31 -15.15 17.82
CA LYS A 252 -9.26 -15.44 16.85
C LYS A 252 -9.00 -14.30 15.88
N GLU A 253 -9.95 -13.38 15.74
CA GLU A 253 -9.79 -12.30 14.77
C GLU A 253 -8.89 -11.18 15.30
N ILE A 254 -9.03 -10.82 16.58
CA ILE A 254 -8.23 -9.74 17.15
C ILE A 254 -6.93 -10.23 17.77
N ASN A 255 -6.86 -11.50 18.17
CA ASN A 255 -5.62 -12.05 18.73
C ASN A 255 -4.69 -12.60 17.66
N SER A 256 -5.23 -13.14 16.57
CA SER A 256 -4.44 -13.66 15.46
C SER A 256 -4.98 -13.11 14.15
N PRO A 257 -4.80 -11.80 13.90
CA PRO A 257 -5.34 -11.21 12.68
C PRO A 257 -4.52 -11.52 11.44
N ASN A 258 -3.21 -11.64 11.62
CA ASN A 258 -2.30 -11.89 10.50
C ASN A 258 -2.18 -13.36 10.13
N LEU A 259 -2.29 -14.27 11.11
CA LEU A 259 -2.24 -15.69 10.81
C LEU A 259 -3.47 -16.13 10.03
N LEU A 260 -4.66 -15.69 10.46
CA LEU A 260 -5.88 -16.07 9.76
C LEU A 260 -5.89 -15.53 8.34
N LYS A 261 -5.41 -14.30 8.13
CA LYS A 261 -5.31 -13.75 6.79
C LYS A 261 -4.33 -14.55 5.93
N MET A 262 -3.29 -15.11 6.54
CA MET A 262 -2.39 -16.01 5.83
C MET A 262 -3.06 -17.33 5.50
N ILE A 263 -3.90 -17.82 6.40
CA ILE A 263 -4.54 -19.12 6.20
C ILE A 263 -5.63 -19.02 5.14
N ARG A 264 -6.52 -18.02 5.26
CA ARG A 264 -7.63 -17.93 4.32
C ARG A 264 -7.18 -17.50 2.93
N HIS A 265 -6.01 -16.89 2.79
CA HIS A 265 -5.45 -16.65 1.47
C HIS A 265 -5.03 -17.96 0.82
N THR A 266 -4.37 -18.84 1.57
CA THR A 266 -3.99 -20.14 1.06
C THR A 266 -5.21 -20.94 0.63
N THR A 267 -6.31 -20.82 1.38
CA THR A 267 -7.54 -21.51 1.00
C THR A 267 -8.12 -20.97 -0.29
N ASN A 268 -8.15 -19.64 -0.45
CA ASN A 268 -8.72 -19.04 -1.64
C ASN A 268 -7.93 -19.39 -2.89
N LEU A 269 -6.60 -19.27 -2.81
CA LEU A 269 -5.78 -19.55 -3.99
C LEU A 269 -5.80 -21.03 -4.34
N THR A 270 -5.87 -21.91 -3.34
CA THR A 270 -5.98 -23.33 -3.61
C THR A 270 -7.31 -23.66 -4.28
N LEU A 271 -8.42 -23.17 -3.69
CA LEU A 271 -9.73 -23.39 -4.29
C LEU A 271 -9.84 -22.72 -5.65
N TRP A 272 -9.16 -21.59 -5.85
CA TRP A 272 -9.17 -20.95 -7.16
C TRP A 272 -8.44 -21.79 -8.19
N PHE A 273 -7.35 -22.45 -7.78
CA PHE A 273 -6.68 -23.39 -8.67
C PHE A 273 -7.59 -24.55 -9.05
N GLU A 274 -8.31 -25.10 -8.06
CA GLU A 274 -9.22 -26.20 -8.35
C GLU A 274 -10.41 -25.73 -9.17
N LYS A 275 -10.87 -24.50 -8.96
CA LYS A 275 -12.02 -23.99 -9.69
C LYS A 275 -11.68 -23.75 -11.16
N CYS A 276 -10.47 -23.28 -11.45
CA CYS A 276 -10.07 -23.07 -12.84
C CYS A 276 -9.95 -24.39 -13.60
N ILE A 277 -9.65 -25.48 -12.89
CA ILE A 277 -9.45 -26.76 -13.55
C ILE A 277 -10.79 -27.43 -13.86
N VAL A 278 -11.64 -27.59 -12.85
CA VAL A 278 -12.86 -28.37 -13.04
C VAL A 278 -13.88 -27.61 -13.89
N GLU A 279 -13.85 -26.28 -13.85
CA GLU A 279 -14.79 -25.49 -14.65
C GLU A 279 -14.35 -25.31 -16.09
N THR A 280 -13.21 -25.89 -16.48
CA THR A 280 -12.77 -25.91 -17.87
C THR A 280 -13.15 -27.28 -18.43
N GLU A 281 -14.35 -27.37 -19.00
CA GLU A 281 -14.89 -28.66 -19.40
C GLU A 281 -14.16 -29.25 -20.61
N ASN A 282 -13.64 -28.40 -21.49
CA ASN A 282 -12.92 -28.91 -22.66
C ASN A 282 -11.64 -29.60 -22.23
N LEU A 283 -11.43 -30.82 -22.75
CA LEU A 283 -10.27 -31.62 -22.34
C LEU A 283 -8.97 -30.95 -22.77
N GLU A 284 -8.87 -30.58 -24.05
CA GLU A 284 -7.65 -29.93 -24.54
C GLU A 284 -7.42 -28.58 -23.89
N GLU A 285 -8.48 -27.93 -23.38
CA GLU A 285 -8.30 -26.67 -22.66
C GLU A 285 -7.94 -26.90 -21.20
N ARG A 286 -8.45 -27.97 -20.59
CA ARG A 286 -8.10 -28.26 -19.21
C ARG A 286 -6.65 -28.69 -19.08
N VAL A 287 -6.12 -29.38 -20.10
CA VAL A 287 -4.71 -29.75 -20.08
C VAL A 287 -3.84 -28.50 -20.07
N ALA A 288 -4.24 -27.47 -20.80
CA ALA A 288 -3.48 -26.22 -20.80
C ALA A 288 -3.60 -25.51 -19.46
N VAL A 289 -4.77 -25.59 -18.82
CA VAL A 289 -4.96 -24.95 -17.52
C VAL A 289 -4.07 -25.62 -16.48
N VAL A 290 -4.09 -26.95 -16.41
CA VAL A 290 -3.28 -27.66 -15.42
C VAL A 290 -1.80 -27.46 -15.70
N SER A 291 -1.40 -27.53 -16.98
CA SER A 291 0.00 -27.34 -17.33
C SER A 291 0.50 -25.96 -16.97
N ARG A 292 -0.37 -24.94 -17.09
CA ARG A 292 0.03 -23.59 -16.72
C ARG A 292 0.24 -23.49 -15.22
N ILE A 293 -0.59 -24.17 -14.43
CA ILE A 293 -0.40 -24.17 -12.98
C ILE A 293 0.87 -24.92 -12.60
N ILE A 294 1.26 -25.91 -13.40
CA ILE A 294 2.55 -26.58 -13.16
C ILE A 294 3.70 -25.62 -13.47
N GLU A 295 3.55 -24.78 -14.50
CA GLU A 295 4.58 -23.80 -14.80
C GLU A 295 4.66 -22.74 -13.71
N ILE A 296 3.52 -22.39 -13.11
CA ILE A 296 3.54 -21.47 -11.97
C ILE A 296 4.25 -22.12 -10.79
N LEU A 297 4.14 -23.45 -10.65
CA LEU A 297 4.88 -24.14 -9.60
C LEU A 297 6.39 -24.07 -9.85
N GLN A 298 6.80 -24.14 -11.13
CA GLN A 298 8.22 -24.03 -11.46
C GLN A 298 8.80 -22.71 -10.96
N VAL A 299 8.11 -21.61 -11.22
CA VAL A 299 8.59 -20.31 -10.76
C VAL A 299 8.48 -20.20 -9.25
N PHE A 300 7.43 -20.79 -8.67
CA PHE A 300 7.32 -20.84 -7.21
C PHE A 300 8.53 -21.53 -6.59
N GLN A 301 9.10 -22.52 -7.28
CA GLN A 301 10.27 -23.21 -6.76
C GLN A 301 11.55 -22.40 -6.96
N GLU A 302 11.63 -21.62 -8.05
CA GLU A 302 12.78 -20.76 -8.28
C GLU A 302 12.85 -19.62 -7.28
N LEU A 303 11.72 -19.23 -6.69
CA LEU A 303 11.66 -18.13 -5.74
C LEU A 303 11.60 -18.60 -4.29
N ASN A 304 11.71 -19.92 -4.06
CA ASN A 304 11.68 -20.50 -2.72
C ASN A 304 10.39 -20.16 -1.97
N ASN A 305 9.28 -20.03 -2.70
CA ASN A 305 7.98 -19.83 -2.08
C ASN A 305 7.36 -21.20 -1.86
N PHE A 306 7.70 -21.83 -0.73
CA PHE A 306 7.17 -23.15 -0.42
C PHE A 306 5.68 -23.12 -0.10
N ASN A 307 5.16 -21.96 0.29
CA ASN A 307 3.71 -21.85 0.48
C ASN A 307 2.99 -21.97 -0.86
N GLY A 308 3.52 -21.33 -1.90
CA GLY A 308 2.92 -21.43 -3.21
C GLY A 308 3.08 -22.80 -3.85
N VAL A 309 4.22 -23.45 -3.61
CA VAL A 309 4.45 -24.80 -4.15
C VAL A 309 3.41 -25.76 -3.58
N LEU A 310 3.24 -25.75 -2.26
CA LEU A 310 2.28 -26.65 -1.62
C LEU A 310 0.84 -26.22 -1.86
N GLU A 311 0.60 -24.95 -2.22
CA GLU A 311 -0.73 -24.55 -2.65
C GLU A 311 -1.11 -25.24 -3.96
N VAL A 312 -0.17 -25.29 -4.91
CA VAL A 312 -0.40 -26.06 -6.14
C VAL A 312 -0.48 -27.55 -5.82
N VAL A 313 0.35 -28.03 -4.90
CA VAL A 313 0.31 -29.44 -4.52
C VAL A 313 -1.02 -29.78 -3.87
N SER A 314 -1.49 -28.93 -2.96
CA SER A 314 -2.76 -29.19 -2.29
C SER A 314 -3.92 -29.16 -3.27
N ALA A 315 -3.83 -28.32 -4.30
CA ALA A 315 -4.89 -28.27 -5.31
C ALA A 315 -4.85 -29.48 -6.23
N MET A 316 -3.66 -29.99 -6.54
CA MET A 316 -3.57 -31.16 -7.41
C MET A 316 -3.95 -32.43 -6.67
N ASN A 317 -3.71 -32.48 -5.35
CA ASN A 317 -4.07 -33.64 -4.56
C ASN A 317 -5.53 -33.64 -4.11
N SER A 318 -6.27 -32.58 -4.40
CA SER A 318 -7.67 -32.51 -3.98
C SER A 318 -8.50 -33.54 -4.74
N SER A 319 -9.60 -33.96 -4.12
CA SER A 319 -10.45 -34.99 -4.71
C SER A 319 -10.93 -34.67 -6.11
N PRO A 320 -11.38 -33.45 -6.44
CA PRO A 320 -11.85 -33.22 -7.82
C PRO A 320 -10.73 -33.25 -8.86
N VAL A 321 -9.49 -32.94 -8.48
CA VAL A 321 -8.42 -32.78 -9.44
C VAL A 321 -7.61 -34.07 -9.55
N TYR A 322 -7.49 -34.81 -8.44
CA TYR A 322 -6.64 -35.99 -8.43
C TYR A 322 -7.20 -37.13 -9.26
N ARG A 323 -8.51 -37.17 -9.49
CA ARG A 323 -9.14 -38.25 -10.23
C ARG A 323 -9.24 -37.98 -11.72
N LEU A 324 -8.74 -36.85 -12.21
CA LEU A 324 -8.82 -36.50 -13.63
C LEU A 324 -7.71 -37.23 -14.38
N ASP A 325 -7.94 -38.52 -14.62
CA ASP A 325 -6.94 -39.35 -15.29
C ASP A 325 -6.75 -38.95 -16.74
N HIS A 326 -7.83 -38.54 -17.42
CA HIS A 326 -7.73 -38.16 -18.82
C HIS A 326 -6.89 -36.91 -19.01
N THR A 327 -6.88 -36.01 -18.03
CA THR A 327 -6.17 -34.74 -18.18
C THR A 327 -4.67 -34.91 -18.02
N PHE A 328 -4.23 -35.67 -17.00
CA PHE A 328 -2.81 -35.80 -16.73
C PHE A 328 -2.09 -36.67 -17.76
N GLU A 329 -2.82 -37.45 -18.55
CA GLU A 329 -2.17 -38.27 -19.57
C GLU A 329 -1.54 -37.42 -20.66
N GLN A 330 -2.16 -36.30 -21.01
CA GLN A 330 -1.64 -35.40 -22.04
C GLN A 330 -0.62 -34.41 -21.51
N ILE A 331 -0.27 -34.49 -20.23
CA ILE A 331 0.75 -33.61 -19.67
C ILE A 331 2.12 -34.23 -19.93
N PRO A 332 3.09 -33.45 -20.44
CA PRO A 332 4.41 -34.03 -20.74
C PRO A 332 5.08 -34.58 -19.49
N SER A 333 5.96 -35.57 -19.68
CA SER A 333 6.61 -36.22 -18.56
C SER A 333 7.50 -35.25 -17.78
N ARG A 334 7.99 -34.19 -18.43
CA ARG A 334 8.82 -33.21 -17.74
C ARG A 334 8.02 -32.53 -16.63
N GLN A 335 6.76 -32.18 -16.89
CA GLN A 335 5.93 -31.55 -15.88
C GLN A 335 5.38 -32.55 -14.87
N LYS A 336 5.33 -33.84 -15.23
CA LYS A 336 4.93 -34.86 -14.26
C LYS A 336 5.99 -35.03 -13.17
N LYS A 337 7.27 -34.98 -13.55
CA LYS A 337 8.33 -35.12 -12.56
C LYS A 337 8.35 -33.95 -11.58
N ILE A 338 8.07 -32.75 -12.07
CA ILE A 338 8.07 -31.57 -11.20
C ILE A 338 6.98 -31.67 -10.16
N LEU A 339 5.80 -32.18 -10.54
CA LEU A 339 4.72 -32.35 -9.58
C LEU A 339 5.01 -33.49 -8.62
N GLU A 340 5.73 -34.52 -9.07
CA GLU A 340 6.10 -35.62 -8.19
C GLU A 340 7.08 -35.15 -7.12
N GLU A 341 8.13 -34.43 -7.52
CA GLU A 341 9.11 -33.93 -6.55
C GLU A 341 8.47 -32.97 -5.56
N ALA A 342 7.53 -32.14 -6.04
CA ALA A 342 6.86 -31.22 -5.14
C ALA A 342 5.96 -31.94 -4.15
N HIS A 343 5.38 -33.08 -4.55
CA HIS A 343 4.55 -33.84 -3.62
C HIS A 343 5.41 -34.57 -2.58
N GLU A 344 6.61 -34.98 -2.95
CA GLU A 344 7.50 -35.65 -2.00
C GLU A 344 7.89 -34.74 -0.85
N LEU A 345 7.79 -33.41 -1.03
CA LEU A 345 8.02 -32.49 0.06
C LEU A 345 6.97 -32.63 1.16
N SER A 346 5.80 -33.18 0.84
CA SER A 346 4.73 -33.34 1.81
C SER A 346 4.73 -34.70 2.48
N GLU A 347 5.43 -35.69 1.92
CA GLU A 347 5.48 -37.01 2.53
C GLU A 347 6.15 -36.93 3.90
N ASP A 348 5.89 -37.95 4.71
CA ASP A 348 6.26 -37.97 6.13
C ASP A 348 5.57 -36.75 6.77
N HIS A 349 6.21 -36.06 7.71
CA HIS A 349 5.69 -34.80 8.22
C HIS A 349 6.44 -33.63 7.60
N TYR A 350 6.34 -33.56 6.27
CA TYR A 350 7.04 -32.55 5.47
C TYR A 350 8.54 -32.57 5.71
N LYS A 351 9.07 -33.74 6.11
CA LYS A 351 10.48 -33.86 6.44
C LYS A 351 11.37 -33.52 5.26
N LYS A 352 10.93 -33.85 4.04
CA LYS A 352 11.69 -33.48 2.86
C LYS A 352 11.60 -31.97 2.60
N TYR A 353 10.48 -31.34 2.95
CA TYR A 353 10.39 -29.89 2.88
C TYR A 353 11.29 -29.23 3.92
N LEU A 354 11.33 -29.79 5.14
CA LEU A 354 12.20 -29.23 6.17
C LEU A 354 13.66 -29.31 5.76
N ALA A 355 14.08 -30.44 5.18
CA ALA A 355 15.47 -30.58 4.77
C ALA A 355 15.85 -29.58 3.70
N LYS A 356 14.95 -29.34 2.73
CA LYS A 356 15.22 -28.38 1.69
C LYS A 356 15.20 -26.95 2.23
N LEU A 357 14.38 -26.69 3.25
CA LEU A 357 14.30 -25.34 3.82
C LEU A 357 15.59 -24.98 4.55
N ARG A 358 16.25 -25.95 5.17
CA ARG A 358 17.49 -25.72 5.89
C ARG A 358 18.71 -25.65 4.97
N SER A 359 18.51 -25.64 3.65
CA SER A 359 19.63 -25.59 2.71
C SER A 359 19.48 -24.46 1.70
N ILE A 360 18.51 -23.57 1.88
CA ILE A 360 18.37 -22.42 1.01
C ILE A 360 18.59 -21.16 1.84
N ASN A 361 18.53 -20.00 1.19
CA ASN A 361 18.99 -18.76 1.79
C ASN A 361 17.89 -17.71 1.82
N PRO A 362 18.06 -16.65 2.63
CA PRO A 362 17.02 -15.63 2.87
C PRO A 362 15.79 -15.68 1.97
N PRO A 363 15.83 -15.18 0.69
CA PRO A 363 14.55 -14.92 0.00
C PRO A 363 13.67 -16.16 -0.08
N CYS A 364 12.80 -16.33 0.91
CA CYS A 364 12.01 -17.54 1.05
C CYS A 364 10.69 -17.23 1.74
N VAL A 365 9.65 -17.97 1.36
CA VAL A 365 8.36 -17.92 2.02
C VAL A 365 8.06 -19.31 2.59
N PRO A 366 8.20 -19.48 3.92
CA PRO A 366 8.01 -20.81 4.51
C PRO A 366 6.58 -21.31 4.44
N PHE A 367 6.37 -22.55 4.87
CA PHE A 367 5.06 -23.18 4.89
C PHE A 367 4.55 -23.22 6.34
N PHE A 368 3.37 -22.64 6.58
CA PHE A 368 2.86 -22.52 7.93
C PHE A 368 2.28 -23.82 8.48
N GLY A 369 1.83 -24.73 7.60
CA GLY A 369 1.04 -25.86 8.07
C GLY A 369 1.81 -26.80 8.97
N ILE A 370 3.05 -27.14 8.59
CA ILE A 370 3.81 -28.13 9.35
C ILE A 370 4.17 -27.60 10.73
N TYR A 371 4.31 -26.28 10.88
CA TYR A 371 4.62 -25.71 12.19
C TYR A 371 3.37 -25.61 13.06
N LEU A 372 2.23 -25.29 12.48
CA LEU A 372 0.99 -25.27 13.24
C LEU A 372 0.63 -26.65 13.77
N THR A 373 0.95 -27.70 13.01
CA THR A 373 0.69 -29.06 13.48
C THR A 373 1.58 -29.43 14.64
N ASN A 374 2.87 -29.09 14.57
CA ASN A 374 3.80 -29.42 15.64
C ASN A 374 3.55 -28.60 16.89
N ILE A 375 2.90 -27.45 16.78
CA ILE A 375 2.58 -26.65 17.95
C ILE A 375 1.40 -27.26 18.72
N LEU A 376 0.38 -27.71 17.99
CA LEU A 376 -0.80 -28.27 18.66
C LEU A 376 -0.49 -29.56 19.38
N LYS A 377 0.33 -30.43 18.77
CA LYS A 377 0.72 -31.67 19.44
C LYS A 377 1.59 -31.39 20.66
N THR A 378 2.41 -30.34 20.61
CA THR A 378 3.23 -29.98 21.77
C THR A 378 2.37 -29.31 22.85
N GLU A 379 1.49 -28.40 22.44
CA GLU A 379 0.60 -27.74 23.39
C GLU A 379 -0.41 -28.70 24.00
N GLU A 380 -0.59 -29.88 23.41
CA GLU A 380 -1.45 -30.91 23.97
C GLU A 380 -0.67 -32.00 24.69
N GLY A 381 0.53 -32.34 24.20
CA GLY A 381 1.37 -33.31 24.87
C GLY A 381 1.82 -32.83 26.23
N ASN A 382 2.58 -31.74 26.27
CA ASN A 382 2.90 -31.11 27.54
C ASN A 382 1.62 -30.59 28.20
N PRO A 383 1.54 -30.61 29.52
CA PRO A 383 0.28 -30.25 30.20
C PRO A 383 -0.03 -28.77 30.15
N GLU A 384 -0.07 -28.13 31.32
CA GLU A 384 -0.43 -26.73 31.43
C GLU A 384 0.01 -26.21 32.80
N VAL A 385 -0.15 -27.04 33.82
CA VAL A 385 0.28 -26.72 35.18
C VAL A 385 0.92 -27.96 35.78
N LEU A 386 1.86 -27.74 36.69
CA LEU A 386 2.54 -28.83 37.37
C LEU A 386 2.20 -28.87 38.85
N ILE A 394 2.61 -23.02 37.20
CA ILE A 394 2.18 -23.21 35.82
C ILE A 394 3.34 -23.70 34.97
N ASN A 395 3.04 -24.55 33.99
CA ASN A 395 4.07 -25.12 33.13
C ASN A 395 4.60 -24.04 32.18
N PHE A 396 5.85 -23.64 32.38
CA PHE A 396 6.49 -22.69 31.48
C PHE A 396 7.34 -23.37 30.41
N SER A 397 7.84 -24.58 30.67
CA SER A 397 8.59 -25.31 29.66
C SER A 397 7.72 -25.64 28.44
N LYS A 398 6.40 -25.70 28.62
CA LYS A 398 5.51 -25.86 27.48
C LYS A 398 5.52 -24.59 26.61
N ARG A 399 5.37 -23.42 27.24
CA ARG A 399 5.41 -22.18 26.49
C ARG A 399 6.77 -21.98 25.81
N ARG A 400 7.85 -22.38 26.50
CA ARG A 400 9.18 -22.30 25.89
C ARG A 400 9.28 -23.22 24.69
N LYS A 401 8.73 -24.43 24.81
CA LYS A 401 8.77 -25.37 23.69
C LYS A 401 7.94 -24.87 22.51
N VAL A 402 6.84 -24.17 22.78
CA VAL A 402 6.06 -23.58 21.70
C VAL A 402 6.78 -22.38 21.12
N ALA A 403 7.41 -21.56 21.98
CA ALA A 403 8.15 -20.41 21.51
C ALA A 403 9.35 -20.82 20.67
N GLU A 404 9.94 -21.99 20.95
CA GLU A 404 11.04 -22.48 20.13
C GLU A 404 10.57 -22.83 18.72
N ILE A 405 9.33 -23.28 18.57
CA ILE A 405 8.81 -23.60 17.25
C ILE A 405 8.54 -22.33 16.46
N THR A 406 8.07 -21.27 17.13
CA THR A 406 7.76 -20.02 16.44
C THR A 406 9.01 -19.38 15.86
N GLY A 407 10.12 -19.45 16.59
CA GLY A 407 11.36 -18.88 16.10
C GLY A 407 11.93 -19.58 14.89
N GLU A 408 11.58 -20.85 14.68
CA GLU A 408 12.09 -21.58 13.51
C GLU A 408 11.46 -21.07 12.22
N ILE A 409 10.17 -20.74 12.25
CA ILE A 409 9.50 -20.18 11.08
C ILE A 409 9.63 -18.67 11.01
N GLN A 410 10.06 -18.02 12.09
CA GLN A 410 10.18 -16.57 12.12
C GLN A 410 11.51 -16.06 11.57
N GLN A 411 12.54 -16.91 11.52
CA GLN A 411 13.86 -16.45 11.11
C GLN A 411 13.91 -15.99 9.66
N TYR A 412 12.88 -16.27 8.85
CA TYR A 412 12.82 -15.83 7.47
C TYR A 412 11.96 -14.59 7.29
N GLN A 413 11.57 -13.93 8.38
CA GLN A 413 10.67 -12.78 8.35
C GLN A 413 11.39 -11.45 8.19
N ASN A 414 12.53 -11.42 7.48
CA ASN A 414 13.29 -10.19 7.38
C ASN A 414 13.65 -9.84 5.94
N GLN A 415 14.12 -10.82 5.19
CA GLN A 415 14.71 -10.55 3.88
C GLN A 415 13.61 -10.41 2.83
N PRO A 416 13.56 -9.29 2.09
CA PRO A 416 12.52 -9.12 1.07
C PRO A 416 12.90 -9.71 -0.27
N TYR A 417 12.00 -9.64 -1.23
CA TYR A 417 12.23 -10.13 -2.58
C TYR A 417 12.62 -8.98 -3.50
N CYS A 418 13.61 -9.23 -4.36
CA CYS A 418 14.04 -8.24 -5.35
C CYS A 418 13.12 -8.28 -6.58
N LEU A 419 11.85 -7.97 -6.33
CA LEU A 419 10.82 -7.98 -7.36
C LEU A 419 9.97 -6.73 -7.21
N ARG A 420 9.54 -6.18 -8.34
CA ARG A 420 8.71 -4.99 -8.35
C ARG A 420 7.23 -5.38 -8.30
N VAL A 421 6.47 -4.65 -7.49
CA VAL A 421 5.06 -4.96 -7.27
C VAL A 421 4.25 -4.39 -8.43
N GLU A 422 3.32 -5.19 -8.94
CA GLU A 422 2.36 -4.76 -9.96
C GLU A 422 1.01 -4.62 -9.27
N SER A 423 0.56 -3.38 -9.08
CA SER A 423 -0.60 -3.13 -8.24
C SER A 423 -1.88 -3.71 -8.85
N ASP A 424 -1.99 -3.68 -10.18
CA ASP A 424 -3.18 -4.24 -10.82
C ASP A 424 -3.21 -5.76 -10.71
N ILE A 425 -2.06 -6.40 -10.91
CA ILE A 425 -2.00 -7.86 -10.75
C ILE A 425 -2.14 -8.23 -9.27
N LYS A 426 -1.59 -7.41 -8.38
CA LYS A 426 -1.73 -7.66 -6.95
C LYS A 426 -3.17 -7.56 -6.51
N ARG A 427 -3.87 -6.50 -6.94
CA ARG A 427 -5.27 -6.33 -6.54
C ARG A 427 -6.16 -7.39 -7.16
N PHE A 428 -5.80 -7.91 -8.33
CA PHE A 428 -6.57 -8.99 -8.94
C PHE A 428 -6.56 -10.23 -8.04
N PHE A 429 -5.38 -10.66 -7.60
CA PHE A 429 -5.30 -11.84 -6.74
C PHE A 429 -5.82 -11.54 -5.34
N GLU A 430 -5.76 -10.28 -4.91
CA GLU A 430 -6.35 -9.93 -3.62
C GLU A 430 -7.87 -9.93 -3.67
N ASN A 431 -8.45 -9.73 -4.84
CA ASN A 431 -9.89 -9.77 -5.04
C ASN A 431 -10.42 -11.18 -5.28
N LEU A 432 -9.56 -12.19 -5.19
CA LEU A 432 -9.99 -13.55 -5.46
C LEU A 432 -10.98 -14.03 -4.41
N ASN A 433 -12.15 -14.49 -4.87
CA ASN A 433 -13.18 -15.06 -4.00
C ASN A 433 -13.85 -16.20 -4.75
N PRO A 434 -13.20 -17.36 -4.82
CA PRO A 434 -13.78 -18.46 -5.63
C PRO A 434 -15.07 -19.03 -5.07
N MET A 435 -15.24 -19.03 -3.75
CA MET A 435 -16.45 -19.60 -3.16
C MET A 435 -17.66 -18.72 -3.46
N GLY A 436 -17.53 -17.41 -3.31
CA GLY A 436 -18.65 -16.51 -3.56
C GLY A 436 -19.63 -16.52 -2.41
N ASN A 437 -20.89 -16.79 -2.72
CA ASN A 437 -21.92 -16.83 -1.68
C ASN A 437 -21.96 -18.17 -0.97
N SER A 438 -21.54 -19.25 -1.64
CA SER A 438 -21.57 -20.57 -1.04
C SER A 438 -20.53 -20.69 0.06
N MET A 439 -20.76 -21.65 0.95
CA MET A 439 -19.87 -21.87 2.09
C MET A 439 -18.71 -22.79 1.66
N GLU A 440 -17.90 -23.22 2.63
CA GLU A 440 -16.74 -24.05 2.32
C GLU A 440 -17.17 -25.43 1.85
N LYS A 441 -18.03 -26.11 2.63
CA LYS A 441 -18.42 -27.47 2.29
C LYS A 441 -19.28 -27.51 1.03
N GLU A 442 -20.10 -26.49 0.80
CA GLU A 442 -20.97 -26.49 -0.37
C GLU A 442 -20.19 -26.24 -1.66
N PHE A 443 -19.10 -25.49 -1.58
CA PHE A 443 -18.32 -25.21 -2.78
C PHE A 443 -17.40 -26.39 -3.13
N THR A 444 -16.85 -27.07 -2.11
CA THR A 444 -16.02 -28.24 -2.38
C THR A 444 -16.84 -29.38 -2.94
N ASP A 445 -18.09 -29.54 -2.48
CA ASP A 445 -18.98 -30.54 -3.07
C ASP A 445 -19.31 -30.19 -4.51
N TYR A 446 -19.39 -28.90 -4.84
CA TYR A 446 -19.61 -28.50 -6.22
C TYR A 446 -18.42 -28.85 -7.10
N LEU A 447 -17.21 -28.65 -6.59
CA LEU A 447 -16.01 -28.95 -7.37
C LEU A 447 -15.93 -30.43 -7.70
N PHE A 448 -16.31 -31.29 -6.76
CA PHE A 448 -16.23 -32.73 -7.01
C PHE A 448 -17.33 -33.19 -7.96
N ASN A 449 -18.55 -32.66 -7.81
CA ASN A 449 -19.61 -32.96 -8.77
C ASN A 449 -19.28 -32.41 -10.15
N LYS A 450 -18.60 -31.27 -10.21
CA LYS A 450 -18.12 -30.77 -11.49
C LYS A 450 -17.03 -31.67 -12.05
N SER A 451 -16.26 -32.33 -11.17
CA SER A 451 -15.26 -33.28 -11.63
C SER A 451 -15.91 -34.56 -12.16
N LEU A 452 -16.92 -35.07 -11.46
CA LEU A 452 -17.65 -36.24 -11.92
C LEU A 452 -18.42 -35.98 -13.22
N GLU A 453 -18.57 -34.72 -13.61
CA GLU A 453 -19.26 -34.36 -14.84
C GLU A 453 -18.31 -34.21 -16.02
N ILE A 454 -17.16 -33.55 -15.80
CA ILE A 454 -16.23 -33.33 -16.90
C ILE A 454 -15.48 -34.61 -17.26
N GLU A 455 -15.28 -35.50 -16.28
CA GLU A 455 -14.71 -36.82 -16.53
C GLU A 455 -15.50 -37.83 -15.74
N PRO A 456 -16.60 -38.34 -16.31
CA PRO A 456 -17.44 -39.31 -15.59
C PRO A 456 -16.67 -40.58 -15.26
N ARG A 457 -17.18 -41.30 -14.26
CA ARG A 457 -16.48 -42.47 -13.78
C ARG A 457 -16.53 -43.60 -14.81
N ASN A 458 -15.93 -44.73 -14.44
CA ASN A 458 -15.59 -45.79 -15.39
C ASN A 458 -16.74 -46.25 -16.28
N PRO A 459 -17.96 -46.52 -15.78
CA PRO A 459 -19.00 -47.00 -16.69
C PRO A 459 -19.41 -45.99 -17.76
N LYS A 460 -19.57 -44.72 -17.38
CA LYS A 460 -19.96 -43.71 -18.35
C LYS A 460 -18.79 -43.38 -19.28
N PRO A 461 -19.07 -43.06 -20.55
CA PRO A 461 -18.00 -42.64 -21.46
C PRO A 461 -17.48 -41.25 -21.13
N LEU A 462 -16.69 -40.68 -22.04
CA LEU A 462 -16.11 -39.36 -21.83
C LEU A 462 -16.72 -38.37 -22.83
N PRO A 463 -17.55 -37.43 -22.38
CA PRO A 463 -18.18 -36.50 -23.32
C PRO A 463 -17.20 -35.48 -23.86
N ARG A 464 -17.60 -34.87 -24.97
CA ARG A 464 -16.83 -33.80 -25.59
C ARG A 464 -17.54 -32.47 -25.33
N PHE A 465 -16.80 -31.50 -24.80
CA PHE A 465 -17.35 -30.22 -24.38
C PHE A 465 -16.81 -29.08 -25.24
N PRO A 466 -17.60 -28.03 -25.45
CA PRO A 466 -17.13 -26.92 -26.28
C PRO A 466 -16.09 -26.08 -25.55
N LYS A 467 -15.32 -25.33 -26.34
CA LYS A 467 -14.28 -24.48 -25.80
C LYS A 467 -14.89 -23.27 -25.09
N LYS A 468 -14.13 -22.73 -24.13
CA LYS A 468 -14.56 -21.55 -23.39
C LYS A 468 -13.58 -20.40 -23.46
N TYR A 469 -12.33 -20.63 -23.87
CA TYR A 469 -11.34 -19.58 -24.03
C TYR A 469 -11.15 -19.31 -25.52
N SER A 470 -11.31 -18.04 -25.92
CA SER A 470 -11.19 -17.65 -27.32
C SER A 470 -9.79 -17.22 -27.70
N TYR A 471 -8.92 -16.95 -26.74
CA TYR A 471 -7.54 -16.55 -26.99
C TYR A 471 -6.64 -17.78 -27.13
N PRO A 472 -5.47 -17.63 -27.74
CA PRO A 472 -4.57 -18.78 -27.88
C PRO A 472 -4.15 -19.35 -26.54
N LEU A 473 -3.89 -20.65 -26.53
CA LEU A 473 -3.61 -21.38 -25.30
C LEU A 473 -2.14 -21.75 -25.11
N LYS A 474 -1.29 -21.50 -26.10
CA LYS A 474 0.12 -21.84 -25.98
C LYS A 474 0.77 -21.01 -24.88
N SER A 475 1.47 -21.68 -23.97
CA SER A 475 2.11 -20.99 -22.86
C SER A 475 3.31 -20.19 -23.37
N PRO A 476 3.54 -18.99 -22.83
CA PRO A 476 4.68 -18.18 -23.29
C PRO A 476 6.02 -18.79 -22.93
N GLY A 477 6.19 -19.18 -21.67
CA GLY A 477 7.42 -19.81 -21.23
C GLY A 477 7.64 -19.59 -19.75
N VAL A 478 8.63 -20.31 -19.23
CA VAL A 478 9.01 -20.23 -17.82
C VAL A 478 10.30 -19.44 -17.61
N ARG A 479 11.03 -19.13 -18.67
CA ARG A 479 12.27 -18.35 -18.60
C ARG A 479 11.98 -16.88 -18.82
N PRO A 480 12.60 -15.99 -18.02
CA PRO A 480 12.39 -14.53 -18.10
C PRO A 480 12.72 -13.95 -19.47
N ARG B 14 29.62 28.23 -30.89
CA ARG B 14 28.29 27.96 -31.40
C ARG B 14 27.21 28.49 -30.45
N PHE B 15 27.56 28.62 -29.17
CA PHE B 15 26.66 29.13 -28.15
C PHE B 15 27.03 30.54 -27.70
N ALA B 16 27.82 31.26 -28.49
CA ALA B 16 28.28 32.59 -28.11
C ALA B 16 28.00 33.61 -29.22
N GLU B 17 26.93 33.41 -29.97
CA GLU B 17 26.55 34.38 -30.99
C GLU B 17 26.08 35.67 -30.32
N PRO B 18 26.34 36.82 -30.95
CA PRO B 18 25.95 38.10 -30.33
C PRO B 18 24.44 38.21 -30.20
N ASP B 19 24.00 38.83 -29.10
CA ASP B 19 22.58 38.97 -28.82
C ASP B 19 21.96 39.92 -29.84
N SER B 20 21.04 39.39 -30.65
CA SER B 20 20.34 40.18 -31.65
C SER B 20 18.84 40.00 -31.49
N GLU B 21 18.08 40.95 -32.06
CA GLU B 21 16.63 40.88 -31.98
C GLU B 21 16.05 39.74 -32.81
N GLU B 22 16.79 39.24 -33.79
CA GLU B 22 16.36 38.14 -34.62
C GLU B 22 16.66 36.78 -34.00
N ASN B 23 17.12 36.75 -32.75
CA ASN B 23 17.45 35.50 -32.08
C ASN B 23 16.90 35.38 -30.67
N ILE B 24 16.53 36.47 -30.01
CA ILE B 24 16.01 36.43 -28.65
C ILE B 24 15.21 37.69 -28.40
N ILE B 25 14.07 37.54 -27.72
CA ILE B 25 13.18 38.65 -27.40
C ILE B 25 12.92 38.65 -25.91
N PHE B 26 12.85 39.85 -25.33
CA PHE B 26 12.64 40.01 -23.90
C PHE B 26 11.28 40.65 -23.64
N GLU B 27 10.84 40.57 -22.39
CA GLU B 27 9.55 41.12 -21.97
C GLU B 27 9.72 42.50 -21.34
N ILE B 36 17.81 41.08 -13.65
CA ILE B 36 17.64 39.89 -14.47
C ILE B 36 16.58 40.10 -15.53
N PRO B 37 16.98 40.03 -16.81
CA PRO B 37 16.00 40.18 -17.88
C PRO B 37 15.09 38.97 -17.99
N ILE B 38 13.89 39.19 -18.53
CA ILE B 38 12.88 38.16 -18.67
C ILE B 38 12.84 37.71 -20.12
N ILE B 39 12.91 36.40 -20.33
CA ILE B 39 12.90 35.85 -21.68
C ILE B 39 11.46 35.71 -22.17
N LYS B 40 11.21 36.12 -23.40
CA LYS B 40 9.89 35.98 -24.01
C LYS B 40 9.88 35.03 -25.20
N ALA B 41 10.88 35.12 -26.08
CA ALA B 41 10.97 34.22 -27.22
C ALA B 41 12.43 34.08 -27.61
N GLY B 42 12.69 33.19 -28.55
CA GLY B 42 14.03 32.97 -29.04
C GLY B 42 14.24 31.52 -29.47
N THR B 43 15.35 31.29 -30.16
CA THR B 43 15.70 29.95 -30.60
C THR B 43 16.20 29.13 -29.43
N VAL B 44 16.10 27.80 -29.57
CA VAL B 44 16.46 26.89 -28.48
C VAL B 44 17.94 27.06 -28.10
N ILE B 45 18.78 27.46 -29.07
CA ILE B 45 20.19 27.70 -28.75
C ILE B 45 20.33 28.90 -27.83
N LYS B 46 19.53 29.96 -28.07
CA LYS B 46 19.59 31.13 -27.21
C LYS B 46 18.97 30.86 -25.84
N LEU B 47 17.96 29.99 -25.78
CA LEU B 47 17.37 29.65 -24.49
C LEU B 47 18.37 28.92 -23.62
N ILE B 48 19.11 27.96 -24.19
CA ILE B 48 20.09 27.22 -23.41
C ILE B 48 21.31 28.09 -23.11
N GLU B 49 21.59 29.08 -23.96
CA GLU B 49 22.65 30.04 -23.65
C GLU B 49 22.27 30.88 -22.42
N ARG B 50 21.03 31.34 -22.37
CA ARG B 50 20.54 32.05 -21.19
C ARG B 50 20.28 31.10 -20.02
N LEU B 51 20.00 29.83 -20.31
CA LEU B 51 19.84 28.84 -19.24
C LEU B 51 21.15 28.64 -18.49
N THR B 52 22.27 28.70 -19.19
CA THR B 52 23.59 28.57 -18.58
C THR B 52 24.37 29.87 -18.72
N TYR B 53 23.75 30.99 -18.35
CA TYR B 53 24.39 32.29 -18.50
C TYR B 53 25.49 32.47 -17.47
N HIS B 54 26.57 33.13 -17.88
CA HIS B 54 27.76 33.28 -17.04
C HIS B 54 27.71 34.49 -16.12
N MET B 55 26.95 35.53 -16.49
CA MET B 55 26.97 36.77 -15.71
C MET B 55 26.16 36.65 -14.42
N TYR B 56 25.12 35.82 -14.41
CA TYR B 56 24.28 35.69 -13.23
C TYR B 56 23.66 34.29 -13.20
N ALA B 57 23.14 33.93 -12.03
CA ALA B 57 22.43 32.67 -11.83
C ALA B 57 20.92 32.95 -11.84
N ASP B 58 20.18 32.17 -12.63
CA ASP B 58 18.75 32.34 -12.81
C ASP B 58 18.05 31.04 -12.41
N PRO B 59 17.83 30.81 -11.11
CA PRO B 59 17.18 29.57 -10.69
C PRO B 59 15.72 29.48 -11.11
N ASN B 60 15.03 30.61 -11.24
CA ASN B 60 13.64 30.58 -11.67
C ASN B 60 13.52 30.11 -13.11
N PHE B 61 14.50 30.45 -13.96
CA PHE B 61 14.45 30.02 -15.36
C PHE B 61 14.87 28.57 -15.52
N VAL B 62 15.74 28.07 -14.65
CA VAL B 62 16.12 26.65 -14.71
C VAL B 62 14.94 25.76 -14.38
N ARG B 63 14.11 26.17 -13.41
CA ARG B 63 12.95 25.39 -13.05
C ARG B 63 11.90 25.40 -14.15
N THR B 64 11.57 26.58 -14.68
CA THR B 64 10.55 26.68 -15.72
C THR B 64 10.97 26.00 -17.01
N PHE B 65 12.27 26.06 -17.35
CA PHE B 65 12.74 25.42 -18.56
C PHE B 65 12.58 23.91 -18.50
N LEU B 66 13.15 23.28 -17.47
CA LEU B 66 13.07 21.84 -17.32
C LEU B 66 11.65 21.34 -17.15
N THR B 67 10.73 22.21 -16.73
CA THR B 67 9.33 21.82 -16.60
C THR B 67 8.63 21.79 -17.96
N THR B 68 8.98 22.72 -18.85
CA THR B 68 8.25 22.91 -20.10
C THR B 68 9.09 22.69 -21.34
N TYR B 69 10.32 22.18 -21.21
CA TYR B 69 11.17 22.04 -22.40
C TYR B 69 10.65 20.97 -23.34
N ARG B 70 9.92 19.98 -22.82
CA ARG B 70 9.42 18.87 -23.63
C ARG B 70 8.43 19.32 -24.69
N SER B 71 7.89 20.53 -24.59
CA SER B 71 6.95 21.03 -25.60
C SER B 71 7.66 21.62 -26.82
N PHE B 72 8.95 21.93 -26.71
CA PHE B 72 9.72 22.45 -27.83
C PHE B 72 11.07 21.78 -28.01
N CYS B 73 11.43 20.83 -27.15
CA CYS B 73 12.70 20.14 -27.25
C CYS B 73 12.58 18.77 -26.59
N LYS B 74 13.07 17.73 -27.28
CA LYS B 74 12.90 16.41 -26.67
C LYS B 74 14.06 16.11 -25.72
N PRO B 75 13.80 15.25 -24.72
CA PRO B 75 14.83 14.97 -23.69
C PRO B 75 16.21 14.66 -24.24
N GLN B 76 16.31 13.80 -25.27
CA GLN B 76 17.63 13.48 -25.83
C GLN B 76 18.30 14.70 -26.44
N GLU B 77 17.53 15.65 -26.96
CA GLU B 77 18.11 16.82 -27.58
C GLU B 77 18.55 17.86 -26.55
N LEU B 78 17.95 17.85 -25.36
CA LEU B 78 18.40 18.76 -24.31
C LEU B 78 19.83 18.42 -23.88
N LEU B 79 20.11 17.13 -23.69
CA LEU B 79 21.44 16.74 -23.23
C LEU B 79 22.51 17.04 -24.28
N SER B 80 22.23 16.70 -25.54
CA SER B 80 23.21 16.94 -26.59
C SER B 80 23.55 18.42 -26.72
N LEU B 81 22.55 19.28 -26.63
CA LEU B 81 22.80 20.72 -26.62
C LEU B 81 23.44 21.18 -25.32
N ILE B 82 23.26 20.42 -24.23
CA ILE B 82 23.94 20.73 -22.98
C ILE B 82 25.41 20.34 -23.05
N ILE B 83 25.72 19.22 -23.70
CA ILE B 83 27.11 18.82 -23.88
C ILE B 83 27.83 19.86 -24.74
N GLU B 84 27.23 20.25 -25.86
CA GLU B 84 27.84 21.24 -26.73
C GLU B 84 28.03 22.57 -26.01
N ARG B 85 27.10 22.93 -25.14
CA ARG B 85 27.27 24.12 -24.31
C ARG B 85 28.47 23.97 -23.38
N PHE B 86 28.74 22.75 -22.93
CA PHE B 86 29.87 22.51 -22.04
C PHE B 86 31.19 22.44 -22.79
N GLU B 87 31.16 21.99 -24.04
CA GLU B 87 32.37 21.88 -24.87
C GLU B 87 32.79 23.28 -25.32
N ILE B 88 33.41 24.01 -24.39
CA ILE B 88 33.86 25.36 -24.65
C ILE B 88 35.30 25.29 -25.18
N PRO B 89 35.56 25.72 -26.42
CA PRO B 89 36.91 25.69 -27.00
C PRO B 89 37.83 26.75 -26.40
N SER B 109 48.55 34.80 -21.88
CA SER B 109 48.20 33.94 -20.76
C SER B 109 47.27 34.65 -19.79
N ALA B 110 47.59 35.92 -19.49
CA ALA B 110 46.74 36.71 -18.62
C ALA B 110 45.38 36.96 -19.26
N GLU B 111 45.36 37.20 -20.57
CA GLU B 111 44.09 37.35 -21.28
C GLU B 111 43.33 36.03 -21.33
N LEU B 112 44.05 34.91 -21.36
CA LEU B 112 43.40 33.60 -21.33
C LEU B 112 42.75 33.33 -19.97
N LYS B 113 43.46 33.69 -18.89
CA LYS B 113 42.89 33.49 -17.55
C LYS B 113 41.65 34.34 -17.34
N ARG B 114 41.58 35.51 -17.98
CA ARG B 114 40.40 36.35 -17.87
C ARG B 114 39.21 35.74 -18.61
N PHE B 115 39.47 35.12 -19.76
CA PHE B 115 38.39 34.52 -20.53
C PHE B 115 37.81 33.29 -19.84
N ARG B 116 38.63 32.58 -19.07
CA ARG B 116 38.19 31.35 -18.42
C ARG B 116 37.51 31.61 -17.07
N LYS B 117 37.98 32.61 -16.32
CA LYS B 117 37.33 32.96 -15.06
C LYS B 117 36.04 33.74 -15.27
N GLU B 118 35.88 34.41 -16.41
CA GLU B 118 34.70 35.19 -16.69
C GLU B 118 33.61 34.37 -17.38
N TYR B 119 33.98 33.55 -18.36
CA TYR B 119 33.01 32.85 -19.20
C TYR B 119 33.04 31.34 -19.03
N ILE B 120 34.20 30.71 -19.12
CA ILE B 120 34.26 29.24 -19.17
C ILE B 120 33.81 28.65 -17.84
N GLN B 121 34.46 29.05 -16.74
CA GLN B 121 34.13 28.47 -15.45
C GLN B 121 32.68 28.71 -15.03
N PRO B 122 32.10 29.91 -15.15
CA PRO B 122 30.68 30.06 -14.79
C PRO B 122 29.76 29.22 -15.66
N VAL B 123 29.94 29.26 -16.99
CA VAL B 123 29.06 28.51 -17.89
C VAL B 123 29.14 27.01 -17.59
N GLN B 124 30.35 26.50 -17.37
CA GLN B 124 30.51 25.08 -17.06
C GLN B 124 29.84 24.72 -15.74
N LEU B 125 29.79 25.66 -14.79
CA LEU B 125 29.09 25.40 -13.53
C LEU B 125 27.58 25.54 -13.68
N ARG B 126 27.11 26.45 -14.54
CA ARG B 126 25.68 26.56 -14.78
C ARG B 126 25.13 25.33 -15.49
N VAL B 127 25.94 24.70 -16.34
CA VAL B 127 25.53 23.45 -16.98
C VAL B 127 25.32 22.37 -15.93
N LEU B 128 26.23 22.28 -14.96
CA LEU B 128 26.10 21.26 -13.93
C LEU B 128 24.90 21.51 -13.02
N ASN B 129 24.56 22.77 -12.78
CA ASN B 129 23.38 23.07 -11.97
C ASN B 129 22.09 22.70 -12.69
N VAL B 130 22.10 22.69 -14.02
CA VAL B 130 20.93 22.24 -14.78
C VAL B 130 20.84 20.73 -14.76
N CYS B 131 21.97 20.03 -14.92
CA CYS B 131 21.97 18.58 -14.82
C CYS B 131 21.58 18.13 -13.41
N ARG B 132 21.98 18.89 -12.39
CA ARG B 132 21.61 18.55 -11.02
C ARG B 132 20.11 18.74 -10.80
N HIS B 133 19.54 19.81 -11.37
CA HIS B 133 18.10 20.03 -11.24
C HIS B 133 17.30 19.08 -12.12
N TRP B 134 17.89 18.63 -13.23
CA TRP B 134 17.18 17.72 -14.13
C TRP B 134 17.00 16.35 -13.51
N VAL B 135 18.10 15.73 -13.07
CA VAL B 135 18.05 14.38 -12.51
C VAL B 135 17.36 14.33 -11.15
N GLU B 136 17.13 15.48 -10.52
CA GLU B 136 16.50 15.51 -9.20
C GLU B 136 14.97 15.55 -9.30
N HIS B 137 14.43 16.48 -10.07
CA HIS B 137 12.99 16.68 -10.16
C HIS B 137 12.37 16.15 -11.44
N HIS B 138 13.16 15.68 -12.40
CA HIS B 138 12.65 15.22 -13.68
C HIS B 138 13.35 13.93 -14.09
N PHE B 139 13.43 12.97 -13.17
CA PHE B 139 14.08 11.70 -13.49
C PHE B 139 13.19 10.82 -14.37
N TYR B 140 11.88 11.09 -14.41
CA TYR B 140 10.99 10.28 -15.24
C TYR B 140 11.38 10.32 -16.71
N ASP B 141 12.10 11.35 -17.15
CA ASP B 141 12.63 11.36 -18.51
C ASP B 141 13.65 10.25 -18.71
N PHE B 142 14.41 9.92 -17.67
CA PHE B 142 15.38 8.84 -17.76
C PHE B 142 14.73 7.45 -17.67
N GLU B 143 13.52 7.37 -17.09
CA GLU B 143 12.79 6.11 -17.13
C GLU B 143 12.22 5.85 -18.51
N ARG B 144 11.76 6.90 -19.20
CA ARG B 144 11.27 6.76 -20.56
C ARG B 144 12.40 6.47 -21.55
N ASP B 145 13.63 6.84 -21.22
CA ASP B 145 14.78 6.63 -22.11
C ASP B 145 15.96 6.25 -21.24
N ALA B 146 16.28 4.95 -21.19
CA ALA B 146 17.42 4.49 -20.41
C ALA B 146 18.74 4.93 -21.03
N TYR B 147 18.75 5.16 -22.35
CA TYR B 147 19.97 5.62 -23.01
C TYR B 147 20.28 7.08 -22.71
N LEU B 148 19.26 7.87 -22.36
CA LEU B 148 19.50 9.26 -21.98
C LEU B 148 20.37 9.34 -20.73
N LEU B 149 20.19 8.41 -19.79
CA LEU B 149 21.02 8.37 -18.59
C LEU B 149 22.41 7.81 -18.87
N GLN B 150 22.54 6.97 -19.90
CA GLN B 150 23.85 6.47 -20.29
C GLN B 150 24.75 7.61 -20.75
N ARG B 151 24.22 8.51 -21.57
CA ARG B 151 24.99 9.68 -22.00
C ARG B 151 25.24 10.64 -20.84
N MET B 152 24.28 10.76 -19.92
CA MET B 152 24.44 11.66 -18.79
C MET B 152 25.57 11.21 -17.87
N GLU B 153 25.52 9.95 -17.42
CA GLU B 153 26.53 9.46 -16.50
C GLU B 153 27.92 9.42 -17.13
N GLU B 154 27.99 9.26 -18.45
CA GLU B 154 29.28 9.30 -19.13
C GLU B 154 29.86 10.71 -19.14
N PHE B 155 29.01 11.71 -19.40
CA PHE B 155 29.47 13.10 -19.45
C PHE B 155 29.92 13.59 -18.08
N ILE B 156 29.18 13.22 -17.02
CA ILE B 156 29.55 13.64 -15.67
C ILE B 156 30.91 13.08 -15.30
N GLY B 157 31.26 11.89 -15.81
CA GLY B 157 32.57 11.34 -15.55
C GLY B 157 33.68 12.09 -16.25
N THR B 158 33.41 12.61 -17.45
CA THR B 158 34.42 13.37 -18.17
C THR B 158 34.72 14.72 -17.54
N VAL B 159 33.84 15.21 -16.66
CA VAL B 159 34.03 16.48 -15.98
C VAL B 159 35.24 16.39 -15.06
N ARG B 160 36.30 17.12 -15.40
CA ARG B 160 37.53 17.10 -14.63
C ARG B 160 37.44 18.20 -13.55
N GLY B 161 38.58 18.56 -12.96
CA GLY B 161 38.60 19.58 -11.93
C GLY B 161 38.37 20.98 -12.46
N MET B 164 34.47 22.66 -9.73
CA MET B 164 33.55 21.76 -10.40
C MET B 164 33.60 20.37 -9.79
N LYS B 165 34.54 20.16 -8.87
CA LYS B 165 34.69 18.86 -8.23
C LYS B 165 33.54 18.57 -7.27
N LYS B 166 33.05 19.58 -6.57
CA LYS B 166 31.95 19.38 -5.64
C LYS B 166 30.61 19.23 -6.35
N TRP B 167 30.50 19.65 -7.61
CA TRP B 167 29.25 19.52 -8.34
C TRP B 167 29.03 18.08 -8.81
N VAL B 168 30.05 17.48 -9.43
CA VAL B 168 29.94 16.10 -9.87
C VAL B 168 29.68 15.17 -8.69
N GLU B 169 30.33 15.44 -7.56
CA GLU B 169 30.08 14.66 -6.35
C GLU B 169 28.64 14.84 -5.89
N SER B 170 28.07 16.03 -6.06
CA SER B 170 26.68 16.26 -5.67
C SER B 170 25.70 15.70 -6.68
N ILE B 171 26.06 15.70 -7.97
CA ILE B 171 25.16 15.17 -8.99
C ILE B 171 25.12 13.65 -8.93
N THR B 172 26.28 13.01 -8.81
CA THR B 172 26.34 11.55 -8.84
C THR B 172 25.54 10.95 -7.69
N LYS B 173 25.68 11.50 -6.48
CA LYS B 173 24.93 10.99 -5.34
C LYS B 173 23.43 11.16 -5.54
N ILE B 174 23.02 12.20 -6.27
CA ILE B 174 21.61 12.38 -6.58
C ILE B 174 21.13 11.34 -7.57
N ILE B 175 21.97 11.00 -8.55
CA ILE B 175 21.61 10.01 -9.56
C ILE B 175 21.41 8.64 -8.92
N GLN B 176 22.19 8.31 -7.90
CA GLN B 176 22.09 7.00 -7.27
C GLN B 176 20.80 6.83 -6.47
N ARG B 177 20.13 7.93 -6.13
CA ARG B 177 18.89 7.84 -5.37
C ARG B 177 17.79 7.18 -6.21
N LYS B 178 17.56 7.70 -7.42
CA LYS B 178 16.53 7.15 -8.29
C LYS B 178 16.90 5.78 -8.85
N LYS B 179 18.15 5.36 -8.74
CA LYS B 179 18.52 4.00 -9.14
C LYS B 179 17.85 2.97 -8.25
N ILE B 180 17.75 3.27 -6.95
CA ILE B 180 17.10 2.34 -6.02
C ILE B 180 15.59 2.41 -6.15
N ALA B 181 15.06 3.55 -6.59
CA ALA B 181 13.62 3.71 -6.76
C ALA B 181 13.09 2.82 -7.88
N THR B 191 7.08 10.12 9.77
CA THR B 191 6.19 9.48 8.81
C THR B 191 4.77 10.02 8.91
N PHE B 192 4.19 9.90 10.10
CA PHE B 192 2.82 10.36 10.35
C PHE B 192 2.76 11.75 10.97
N GLN B 193 3.72 12.08 11.84
CA GLN B 193 3.68 13.31 12.65
C GLN B 193 2.42 13.33 13.51
N SER B 194 2.55 12.89 14.76
CA SER B 194 1.44 12.70 15.70
C SER B 194 0.55 11.54 15.26
N SER B 195 -0.09 10.87 16.21
CA SER B 195 -0.84 9.67 15.92
C SER B 195 -2.14 10.00 15.20
N PRO B 196 -2.53 9.24 14.19
CA PRO B 196 -3.79 9.49 13.47
C PRO B 196 -4.97 9.03 14.30
N PRO B 197 -6.17 9.53 14.03
CA PRO B 197 -7.35 9.11 14.78
C PRO B 197 -7.70 7.65 14.51
N THR B 198 -8.58 7.13 15.35
CA THR B 198 -9.00 5.74 15.23
C THR B 198 -9.90 5.55 14.01
N VAL B 199 -9.68 4.44 13.30
CA VAL B 199 -10.49 4.14 12.12
C VAL B 199 -11.92 3.83 12.55
N GLU B 200 -12.87 4.53 11.95
CA GLU B 200 -14.28 4.39 12.31
C GLU B 200 -14.93 3.25 11.53
N TRP B 201 -15.83 2.53 12.18
CA TRP B 201 -16.57 1.45 11.56
C TRP B 201 -18.06 1.59 11.89
N HIS B 202 -18.90 1.12 10.97
CA HIS B 202 -20.33 1.21 11.14
C HIS B 202 -20.98 -0.18 11.12
N ILE B 203 -21.70 -0.49 10.06
CA ILE B 203 -22.37 -1.79 9.96
C ILE B 203 -21.36 -2.88 9.59
N SER B 204 -20.57 -2.63 8.56
CA SER B 204 -19.57 -3.61 8.13
C SER B 204 -18.49 -3.78 9.19
N ARG B 205 -18.25 -5.01 9.59
CA ARG B 205 -17.19 -5.31 10.54
C ARG B 205 -15.84 -5.28 9.82
N PRO B 206 -14.76 -4.98 10.56
CA PRO B 206 -13.43 -4.95 9.93
C PRO B 206 -13.08 -6.31 9.32
N GLY B 207 -12.57 -6.27 8.09
CA GLY B 207 -12.21 -7.47 7.37
C GLY B 207 -13.30 -8.05 6.50
N HIS B 208 -14.55 -7.67 6.74
CA HIS B 208 -15.69 -8.20 5.97
C HIS B 208 -15.96 -7.28 4.77
N ILE B 209 -15.06 -7.38 3.78
CA ILE B 209 -15.15 -6.51 2.61
C ILE B 209 -16.35 -6.84 1.74
N GLU B 210 -16.91 -8.04 1.87
CA GLU B 210 -18.05 -8.43 1.06
C GLU B 210 -19.31 -7.64 1.40
N THR B 211 -19.33 -6.93 2.52
CA THR B 211 -20.47 -6.11 2.91
C THR B 211 -20.18 -4.61 2.85
N PHE B 212 -18.99 -4.22 2.41
CA PHE B 212 -18.65 -2.80 2.30
C PHE B 212 -19.56 -2.13 1.28
N ASP B 213 -20.32 -1.13 1.73
CA ASP B 213 -21.23 -0.40 0.86
C ASP B 213 -21.32 1.03 1.34
N LEU B 214 -22.04 1.86 0.58
CA LEU B 214 -22.17 3.28 0.91
C LEU B 214 -22.82 3.47 2.28
N LEU B 215 -23.79 2.63 2.63
CA LEU B 215 -24.50 2.76 3.89
C LEU B 215 -23.97 1.85 4.99
N THR B 216 -23.25 0.79 4.63
CA THR B 216 -22.70 -0.11 5.64
C THR B 216 -21.39 0.41 6.21
N LEU B 217 -20.61 1.11 5.39
CA LEU B 217 -19.38 1.73 5.88
C LEU B 217 -19.70 3.04 6.60
N HIS B 218 -18.80 3.42 7.50
CA HIS B 218 -18.97 4.67 8.23
C HIS B 218 -18.69 5.84 7.30
N PRO B 219 -19.56 6.85 7.26
CA PRO B 219 -19.31 7.98 6.34
C PRO B 219 -18.04 8.75 6.64
N ILE B 220 -17.61 8.76 7.90
CA ILE B 220 -16.34 9.41 8.24
C ILE B 220 -15.18 8.68 7.57
N GLU B 221 -15.17 7.35 7.65
CA GLU B 221 -14.06 6.59 7.09
C GLU B 221 -14.13 6.52 5.57
N ILE B 222 -15.33 6.60 4.99
CA ILE B 222 -15.44 6.67 3.54
C ILE B 222 -14.72 7.90 3.00
N ALA B 223 -14.89 9.05 3.68
CA ALA B 223 -14.22 10.26 3.24
C ALA B 223 -12.72 10.19 3.52
N ARG B 224 -12.33 9.66 4.69
CA ARG B 224 -10.92 9.55 5.02
C ARG B 224 -10.17 8.72 3.97
N GLN B 225 -10.72 7.54 3.63
CA GLN B 225 -10.02 6.66 2.71
C GLN B 225 -10.04 7.20 1.29
N LEU B 226 -11.15 7.83 0.88
CA LEU B 226 -11.19 8.44 -0.45
C LEU B 226 -10.27 9.65 -0.52
N THR B 227 -10.13 10.40 0.58
CA THR B 227 -9.18 11.51 0.61
C THR B 227 -7.75 10.99 0.44
N LEU B 228 -7.38 9.96 1.20
CA LEU B 228 -6.04 9.39 1.09
C LEU B 228 -5.78 8.87 -0.31
N LEU B 229 -6.80 8.27 -0.94
CA LEU B 229 -6.65 7.79 -2.31
C LEU B 229 -6.48 8.97 -3.27
N GLU B 230 -7.35 9.96 -3.16
CA GLU B 230 -7.25 11.12 -4.05
C GLU B 230 -6.01 11.94 -3.78
N SER B 231 -5.58 12.03 -2.51
CA SER B 231 -4.36 12.75 -2.20
C SER B 231 -3.15 12.11 -2.86
N ASP B 232 -3.05 10.77 -2.79
CA ASP B 232 -1.94 10.07 -3.41
C ASP B 232 -1.98 10.21 -4.93
N LEU B 233 -3.17 10.16 -5.53
CA LEU B 233 -3.28 10.36 -6.97
C LEU B 233 -2.88 11.78 -7.36
N TYR B 234 -3.20 12.76 -6.52
CA TYR B 234 -2.84 14.14 -6.82
C TYR B 234 -1.34 14.38 -6.68
N ARG B 235 -0.73 13.84 -5.61
CA ARG B 235 0.69 14.03 -5.39
C ARG B 235 1.55 13.34 -6.44
N ALA B 236 1.00 12.35 -7.15
CA ALA B 236 1.74 11.65 -8.18
C ALA B 236 1.78 12.41 -9.51
N VAL B 237 1.00 13.48 -9.65
CA VAL B 237 0.94 14.22 -10.90
C VAL B 237 2.13 15.16 -10.98
N GLN B 238 2.95 14.99 -12.05
CA GLN B 238 4.12 15.82 -12.28
C GLN B 238 3.77 17.02 -13.17
N PRO B 239 4.48 18.14 -13.02
CA PRO B 239 4.10 19.35 -13.77
C PRO B 239 4.18 19.20 -15.27
N SER B 240 5.08 18.35 -15.78
CA SER B 240 5.21 18.20 -17.23
C SER B 240 3.99 17.52 -17.85
N GLU B 241 3.19 16.81 -17.05
CA GLU B 241 2.00 16.14 -17.57
C GLU B 241 0.90 17.13 -17.95
N LEU B 242 1.04 18.41 -17.60
CA LEU B 242 0.04 19.42 -17.91
C LEU B 242 0.51 20.43 -18.95
N VAL B 243 1.78 20.41 -19.32
CA VAL B 243 2.33 21.38 -20.25
C VAL B 243 2.03 20.96 -21.68
N GLY B 244 1.60 21.90 -22.49
CA GLY B 244 1.36 21.64 -23.90
C GLY B 244 0.10 20.86 -24.21
N SER B 245 -0.85 20.80 -23.27
CA SER B 245 -2.09 20.05 -23.46
C SER B 245 -1.81 18.61 -23.87
N VAL B 246 -0.85 17.99 -23.20
CA VAL B 246 -0.36 16.66 -23.59
C VAL B 246 -1.25 15.54 -23.08
N TRP B 247 -2.16 15.82 -22.14
CA TRP B 247 -3.06 14.78 -21.64
C TRP B 247 -4.21 14.51 -22.59
N THR B 248 -4.51 15.42 -23.51
CA THR B 248 -5.54 15.21 -24.52
C THR B 248 -4.94 14.94 -25.89
N LYS B 249 -3.68 14.52 -25.95
CA LYS B 249 -3.01 14.20 -27.20
C LYS B 249 -2.97 12.69 -27.40
N GLU B 250 -2.31 12.26 -28.47
CA GLU B 250 -2.24 10.84 -28.78
C GLU B 250 -1.34 10.09 -27.81
N ASP B 251 -0.28 10.74 -27.33
CA ASP B 251 0.63 10.15 -26.35
C ASP B 251 0.23 10.47 -24.92
N LYS B 252 -1.06 10.39 -24.60
CA LYS B 252 -1.53 10.73 -23.27
C LYS B 252 -1.09 9.72 -22.22
N GLU B 253 -0.76 8.49 -22.62
CA GLU B 253 -0.43 7.45 -21.65
C GLU B 253 0.97 7.67 -21.08
N ILE B 254 1.99 7.71 -21.95
CA ILE B 254 3.36 7.81 -21.48
C ILE B 254 3.77 9.22 -21.09
N ASN B 255 2.91 10.22 -21.32
CA ASN B 255 3.21 11.60 -20.96
C ASN B 255 2.40 12.11 -19.78
N SER B 256 1.15 11.66 -19.63
CA SER B 256 0.30 12.02 -18.49
C SER B 256 -0.33 10.76 -17.92
N PRO B 257 0.47 9.90 -17.29
CA PRO B 257 -0.09 8.65 -16.75
C PRO B 257 -0.74 8.83 -15.39
N ASN B 258 -0.29 9.82 -14.63
CA ASN B 258 -0.82 10.08 -13.30
C ASN B 258 -1.99 11.05 -13.31
N LEU B 259 -2.03 11.97 -14.27
CA LEU B 259 -3.18 12.86 -14.39
C LEU B 259 -4.40 12.12 -14.92
N LEU B 260 -4.19 11.20 -15.86
CA LEU B 260 -5.30 10.41 -16.40
C LEU B 260 -5.98 9.58 -15.31
N LYS B 261 -5.19 8.98 -14.42
CA LYS B 261 -5.77 8.23 -13.32
C LYS B 261 -6.47 9.14 -12.32
N MET B 262 -6.03 10.39 -12.21
CA MET B 262 -6.74 11.35 -11.37
C MET B 262 -8.10 11.71 -11.96
N ILE B 263 -8.15 11.88 -13.29
CA ILE B 263 -9.41 12.20 -13.94
C ILE B 263 -10.33 10.99 -13.99
N ARG B 264 -9.77 9.82 -14.32
CA ARG B 264 -10.59 8.61 -14.42
C ARG B 264 -11.17 8.21 -13.07
N HIS B 265 -10.43 8.44 -11.98
CA HIS B 265 -10.99 8.18 -10.65
C HIS B 265 -12.11 9.15 -10.34
N THR B 266 -11.91 10.44 -10.66
CA THR B 266 -12.95 11.43 -10.42
C THR B 266 -14.22 11.10 -11.18
N THR B 267 -14.08 10.61 -12.42
CA THR B 267 -15.25 10.19 -13.19
C THR B 267 -15.91 8.96 -12.56
N ASN B 268 -15.11 8.01 -12.08
CA ASN B 268 -15.66 6.79 -11.50
C ASN B 268 -16.43 7.08 -10.22
N LEU B 269 -15.84 7.89 -9.33
CA LEU B 269 -16.50 8.17 -8.05
C LEU B 269 -17.72 9.05 -8.22
N THR B 270 -17.70 9.96 -9.20
CA THR B 270 -18.88 10.77 -9.49
C THR B 270 -20.01 9.91 -10.04
N LEU B 271 -19.71 9.08 -11.04
CA LEU B 271 -20.73 8.20 -11.62
C LEU B 271 -21.20 7.18 -10.60
N TRP B 272 -20.35 6.79 -9.65
CA TRP B 272 -20.79 5.87 -8.61
C TRP B 272 -21.76 6.54 -7.64
N PHE B 273 -21.52 7.82 -7.34
CA PHE B 273 -22.44 8.55 -6.48
C PHE B 273 -23.83 8.64 -7.11
N GLU B 274 -23.89 8.94 -8.40
CA GLU B 274 -25.18 9.00 -9.09
C GLU B 274 -25.79 7.62 -9.23
N LYS B 275 -24.96 6.59 -9.46
CA LYS B 275 -25.48 5.24 -9.60
C LYS B 275 -26.12 4.75 -8.31
N CYS B 276 -25.54 5.10 -7.16
CA CYS B 276 -26.12 4.69 -5.88
C CYS B 276 -27.46 5.37 -5.64
N ILE B 277 -27.66 6.57 -6.17
CA ILE B 277 -28.89 7.31 -5.91
C ILE B 277 -30.03 6.82 -6.81
N VAL B 278 -29.81 6.78 -8.12
CA VAL B 278 -30.90 6.46 -9.04
C VAL B 278 -31.28 5.00 -8.94
N GLU B 279 -30.36 4.11 -8.56
CA GLU B 279 -30.65 2.70 -8.44
C GLU B 279 -31.30 2.33 -7.11
N THR B 280 -31.61 3.32 -6.28
CA THR B 280 -32.39 3.12 -5.05
C THR B 280 -33.80 3.57 -5.36
N GLU B 281 -34.67 2.63 -5.72
CA GLU B 281 -36.01 2.98 -6.20
C GLU B 281 -36.88 3.52 -5.07
N ASN B 282 -36.80 2.92 -3.88
CA ASN B 282 -37.62 3.38 -2.77
C ASN B 282 -37.25 4.81 -2.37
N LEU B 283 -38.28 5.62 -2.08
CA LEU B 283 -38.05 7.03 -1.82
C LEU B 283 -37.29 7.24 -0.51
N GLU B 284 -37.79 6.67 0.58
CA GLU B 284 -37.14 6.87 1.88
C GLU B 284 -35.73 6.33 1.90
N GLU B 285 -35.46 5.25 1.16
CA GLU B 285 -34.10 4.72 1.10
C GLU B 285 -33.19 5.59 0.25
N ARG B 286 -33.75 6.23 -0.79
CA ARG B 286 -32.93 7.12 -1.61
C ARG B 286 -32.59 8.40 -0.87
N VAL B 287 -33.48 8.88 0.00
CA VAL B 287 -33.17 10.03 0.83
C VAL B 287 -31.99 9.73 1.75
N ALA B 288 -31.95 8.52 2.29
CA ALA B 288 -30.82 8.11 3.12
C ALA B 288 -29.54 8.02 2.30
N VAL B 289 -29.64 7.61 1.03
CA VAL B 289 -28.45 7.56 0.17
C VAL B 289 -27.92 8.96 -0.08
N VAL B 290 -28.79 9.90 -0.41
CA VAL B 290 -28.36 11.27 -0.66
C VAL B 290 -27.89 11.93 0.63
N SER B 291 -28.61 11.70 1.73
CA SER B 291 -28.21 12.28 3.01
C SER B 291 -26.87 11.74 3.49
N ARG B 292 -26.56 10.48 3.16
CA ARG B 292 -25.27 9.92 3.54
C ARG B 292 -24.14 10.55 2.72
N ILE B 293 -24.37 10.72 1.41
CA ILE B 293 -23.38 11.35 0.55
C ILE B 293 -23.15 12.79 0.98
N ILE B 294 -24.19 13.45 1.50
CA ILE B 294 -24.02 14.81 2.02
C ILE B 294 -23.13 14.81 3.26
N GLU B 295 -23.29 13.79 4.11
CA GLU B 295 -22.42 13.69 5.28
C GLU B 295 -20.97 13.44 4.87
N ILE B 296 -20.77 12.67 3.78
CA ILE B 296 -19.44 12.50 3.23
C ILE B 296 -18.89 13.82 2.74
N LEU B 297 -19.76 14.70 2.25
CA LEU B 297 -19.33 16.04 1.84
C LEU B 297 -18.86 16.85 3.04
N GLN B 298 -19.51 16.70 4.19
CA GLN B 298 -19.09 17.42 5.39
C GLN B 298 -17.67 17.05 5.78
N VAL B 299 -17.38 15.75 5.82
CA VAL B 299 -16.04 15.31 6.19
C VAL B 299 -15.02 15.67 5.11
N PHE B 300 -15.45 15.66 3.84
CA PHE B 300 -14.57 16.11 2.76
C PHE B 300 -14.15 17.56 2.97
N GLN B 301 -15.05 18.39 3.50
CA GLN B 301 -14.70 19.78 3.75
C GLN B 301 -13.81 19.93 4.98
N GLU B 302 -14.04 19.11 6.01
CA GLU B 302 -13.19 19.18 7.20
C GLU B 302 -11.75 18.82 6.86
N LEU B 303 -11.55 17.83 5.99
CA LEU B 303 -10.22 17.44 5.55
C LEU B 303 -9.70 18.34 4.43
N ASN B 304 -10.47 19.35 4.01
CA ASN B 304 -10.10 20.24 2.91
C ASN B 304 -9.81 19.45 1.64
N ASN B 305 -10.60 18.40 1.40
CA ASN B 305 -10.51 17.63 0.16
C ASN B 305 -11.51 18.22 -0.82
N PHE B 306 -11.10 19.32 -1.46
CA PHE B 306 -11.98 20.01 -2.40
C PHE B 306 -12.25 19.17 -3.65
N ASN B 307 -11.36 18.22 -3.98
CA ASN B 307 -11.62 17.33 -5.10
C ASN B 307 -12.86 16.47 -4.83
N GLY B 308 -12.95 15.91 -3.62
CA GLY B 308 -14.12 15.12 -3.27
C GLY B 308 -15.36 15.96 -3.02
N VAL B 309 -15.17 17.21 -2.57
CA VAL B 309 -16.31 18.11 -2.36
C VAL B 309 -17.03 18.37 -3.68
N LEU B 310 -16.28 18.75 -4.71
CA LEU B 310 -16.87 19.01 -6.01
C LEU B 310 -17.26 17.73 -6.74
N GLU B 311 -16.70 16.59 -6.35
CA GLU B 311 -17.18 15.32 -6.89
C GLU B 311 -18.62 15.05 -6.45
N VAL B 312 -18.93 15.33 -5.19
CA VAL B 312 -20.30 15.23 -4.72
C VAL B 312 -21.17 16.26 -5.40
N VAL B 313 -20.68 17.50 -5.52
CA VAL B 313 -21.44 18.56 -6.17
C VAL B 313 -21.70 18.21 -7.63
N SER B 314 -20.69 17.68 -8.31
CA SER B 314 -20.88 17.28 -9.71
C SER B 314 -21.92 16.19 -9.84
N ALA B 315 -22.04 15.33 -8.84
CA ALA B 315 -23.08 14.29 -8.86
C ALA B 315 -24.45 14.85 -8.48
N MET B 316 -24.50 15.85 -7.58
CA MET B 316 -25.77 16.42 -7.19
C MET B 316 -26.36 17.30 -8.29
N ASN B 317 -25.50 17.98 -9.04
CA ASN B 317 -25.94 18.83 -10.16
C ASN B 317 -26.11 18.06 -11.46
N SER B 318 -25.85 16.75 -11.45
CA SER B 318 -26.01 15.96 -12.66
C SER B 318 -27.48 15.83 -13.03
N SER B 319 -27.73 15.62 -14.32
CA SER B 319 -29.10 15.50 -14.82
C SER B 319 -29.95 14.47 -14.08
N PRO B 320 -29.49 13.22 -13.87
CA PRO B 320 -30.37 12.24 -13.21
C PRO B 320 -30.65 12.55 -11.76
N VAL B 321 -29.75 13.25 -11.06
CA VAL B 321 -29.89 13.50 -9.64
C VAL B 321 -30.55 14.85 -9.36
N TYR B 322 -30.25 15.85 -10.18
CA TYR B 322 -30.75 17.20 -9.92
C TYR B 322 -32.27 17.28 -10.05
N ARG B 323 -32.86 16.51 -10.96
CA ARG B 323 -34.30 16.57 -11.18
C ARG B 323 -35.10 15.81 -10.13
N LEU B 324 -34.44 15.11 -9.21
CA LEU B 324 -35.13 14.32 -8.18
C LEU B 324 -35.71 15.26 -7.14
N ASP B 325 -36.84 15.89 -7.49
CA ASP B 325 -37.46 16.85 -6.59
C ASP B 325 -38.02 16.19 -5.34
N HIS B 326 -38.62 14.99 -5.50
CA HIS B 326 -39.23 14.32 -4.36
C HIS B 326 -38.20 13.87 -3.33
N THR B 327 -36.94 13.70 -3.72
CA THR B 327 -35.93 13.20 -2.80
C THR B 327 -35.42 14.31 -1.88
N PHE B 328 -35.11 15.48 -2.44
CA PHE B 328 -34.55 16.56 -1.65
C PHE B 328 -35.56 17.24 -0.75
N GLU B 329 -36.86 17.00 -0.96
CA GLU B 329 -37.86 17.58 -0.08
C GLU B 329 -37.77 17.01 1.33
N GLN B 330 -37.30 15.76 1.45
CA GLN B 330 -37.23 15.06 2.73
C GLN B 330 -35.87 15.19 3.40
N ILE B 331 -35.00 16.05 2.89
CA ILE B 331 -33.67 16.26 3.44
C ILE B 331 -33.71 17.45 4.39
N PRO B 332 -33.10 17.37 5.57
CA PRO B 332 -33.13 18.49 6.51
C PRO B 332 -32.46 19.73 5.93
N SER B 333 -32.85 20.89 6.46
CA SER B 333 -32.33 22.16 5.96
C SER B 333 -30.85 22.32 6.26
N ARG B 334 -30.34 21.67 7.31
CA ARG B 334 -28.91 21.75 7.62
C ARG B 334 -28.07 21.19 6.48
N GLN B 335 -28.54 20.11 5.86
CA GLN B 335 -27.80 19.50 4.75
C GLN B 335 -27.99 20.27 3.46
N LYS B 336 -29.13 20.96 3.30
CA LYS B 336 -29.33 21.78 2.12
C LYS B 336 -28.37 22.97 2.09
N LYS B 337 -28.16 23.60 3.25
CA LYS B 337 -27.29 24.78 3.30
C LYS B 337 -25.86 24.44 2.89
N ILE B 338 -25.33 23.34 3.43
CA ILE B 338 -23.95 22.97 3.11
C ILE B 338 -23.81 22.51 1.66
N LEU B 339 -24.93 22.15 1.01
CA LEU B 339 -24.91 21.93 -0.43
C LEU B 339 -24.90 23.25 -1.19
N GLU B 340 -25.61 24.26 -0.67
CA GLU B 340 -25.57 25.59 -1.28
C GLU B 340 -24.17 26.17 -1.23
N GLU B 341 -23.52 26.07 -0.06
CA GLU B 341 -22.17 26.61 0.10
C GLU B 341 -21.18 25.88 -0.81
N ALA B 342 -21.33 24.55 -0.93
CA ALA B 342 -20.43 23.78 -1.78
C ALA B 342 -20.63 24.13 -3.24
N HIS B 343 -21.88 24.37 -3.65
CA HIS B 343 -22.14 24.77 -5.03
C HIS B 343 -21.64 26.19 -5.30
N GLU B 344 -21.67 27.06 -4.29
CA GLU B 344 -21.21 28.43 -4.46
C GLU B 344 -19.70 28.55 -4.66
N LEU B 345 -18.96 27.45 -4.48
CA LEU B 345 -17.52 27.47 -4.70
C LEU B 345 -17.15 27.73 -6.15
N SER B 346 -18.06 27.47 -7.09
CA SER B 346 -17.80 27.65 -8.50
C SER B 346 -18.25 29.01 -9.02
N GLU B 347 -18.67 29.92 -8.14
CA GLU B 347 -19.17 31.21 -8.57
C GLU B 347 -18.07 32.05 -9.21
N ASP B 348 -18.41 32.68 -10.34
CA ASP B 348 -17.50 33.57 -11.07
C ASP B 348 -16.19 32.85 -11.43
N HIS B 349 -16.33 31.67 -12.02
CA HIS B 349 -15.18 30.84 -12.40
C HIS B 349 -14.33 30.51 -11.19
N TYR B 350 -14.99 30.04 -10.13
CA TYR B 350 -14.33 29.51 -8.92
C TYR B 350 -13.52 30.59 -8.19
N LYS B 351 -14.13 31.76 -8.00
CA LYS B 351 -13.53 32.75 -7.13
C LYS B 351 -13.64 32.32 -5.67
N LYS B 352 -14.79 31.77 -5.28
CA LYS B 352 -14.98 31.32 -3.90
C LYS B 352 -14.02 30.19 -3.55
N TYR B 353 -13.76 29.28 -4.50
CA TYR B 353 -12.83 28.19 -4.23
C TYR B 353 -11.42 28.71 -4.01
N LEU B 354 -10.99 29.69 -4.83
CA LEU B 354 -9.65 30.24 -4.65
C LEU B 354 -9.57 31.10 -3.40
N ALA B 355 -10.65 31.82 -3.07
CA ALA B 355 -10.66 32.61 -1.85
C ALA B 355 -10.69 31.73 -0.60
N LYS B 356 -11.25 30.52 -0.71
CA LYS B 356 -11.24 29.59 0.41
C LYS B 356 -9.91 28.86 0.52
N LEU B 357 -9.25 28.59 -0.61
CA LEU B 357 -7.99 27.87 -0.59
C LEU B 357 -6.86 28.71 -0.01
N ARG B 358 -6.89 30.03 -0.22
CA ARG B 358 -5.84 30.90 0.29
C ARG B 358 -5.93 31.12 1.79
N SER B 359 -6.98 30.61 2.44
CA SER B 359 -7.14 30.75 3.89
C SER B 359 -6.99 29.44 4.63
N ILE B 360 -6.70 28.35 3.93
CA ILE B 360 -6.56 27.03 4.56
C ILE B 360 -5.11 26.58 4.41
N ASN B 361 -4.65 25.84 5.41
CA ASN B 361 -3.31 25.27 5.39
C ASN B 361 -3.37 23.80 5.01
N PRO B 362 -2.32 23.28 4.40
CA PRO B 362 -2.26 21.84 4.07
C PRO B 362 -2.44 21.00 5.32
N PRO B 363 -2.86 19.73 5.18
CA PRO B 363 -3.08 19.00 3.94
C PRO B 363 -4.40 19.35 3.23
N CYS B 364 -4.39 19.28 1.91
CA CYS B 364 -5.60 19.51 1.11
C CYS B 364 -5.40 18.86 -0.26
N VAL B 365 -6.52 18.64 -0.94
CA VAL B 365 -6.49 18.09 -2.29
C VAL B 365 -7.10 19.13 -3.24
N PRO B 366 -6.30 19.75 -4.10
CA PRO B 366 -6.83 20.79 -4.98
C PRO B 366 -7.79 20.22 -6.01
N PHE B 367 -8.42 21.15 -6.74
CA PHE B 367 -9.39 20.82 -7.78
C PHE B 367 -8.76 21.12 -9.13
N PHE B 368 -8.40 20.06 -9.87
CA PHE B 368 -7.67 20.24 -11.13
C PHE B 368 -8.47 21.02 -12.16
N GLY B 369 -9.80 20.97 -12.08
CA GLY B 369 -10.66 21.56 -13.09
C GLY B 369 -10.39 23.01 -13.43
N ILE B 370 -10.44 23.89 -12.42
CA ILE B 370 -10.25 25.31 -12.69
C ILE B 370 -8.82 25.59 -13.15
N TYR B 371 -7.85 24.79 -12.69
CA TYR B 371 -6.48 24.97 -13.15
C TYR B 371 -6.29 24.43 -14.56
N LEU B 372 -6.84 23.24 -14.85
CA LEU B 372 -6.74 22.71 -16.21
C LEU B 372 -7.46 23.60 -17.21
N THR B 373 -8.49 24.32 -16.77
CA THR B 373 -9.17 25.25 -17.66
C THR B 373 -8.26 26.40 -18.07
N ASN B 374 -7.54 26.98 -17.10
CA ASN B 374 -6.63 28.07 -17.41
C ASN B 374 -5.43 27.62 -18.22
N ILE B 375 -5.08 26.34 -18.18
CA ILE B 375 -3.99 25.84 -19.01
C ILE B 375 -4.39 25.85 -20.48
N LEU B 376 -5.60 25.39 -20.79
CA LEU B 376 -6.06 25.32 -22.17
C LEU B 376 -6.27 26.71 -22.76
N LYS B 377 -6.73 27.66 -21.95
CA LYS B 377 -6.92 29.02 -22.44
C LYS B 377 -5.60 29.68 -22.79
N THR B 378 -4.50 29.24 -22.16
CA THR B 378 -3.18 29.76 -22.47
C THR B 378 -2.52 28.99 -23.61
N GLU B 379 -2.67 27.66 -23.63
CA GLU B 379 -2.07 26.87 -24.71
C GLU B 379 -2.75 27.12 -26.05
N GLU B 380 -4.06 27.37 -26.04
CA GLU B 380 -4.79 27.61 -27.27
C GLU B 380 -4.85 29.08 -27.66
N GLY B 381 -4.76 29.99 -26.68
CA GLY B 381 -4.86 31.41 -26.97
C GLY B 381 -3.56 32.03 -27.44
N ASN B 382 -2.42 31.56 -26.94
CA ASN B 382 -1.15 32.12 -27.32
C ASN B 382 -0.47 31.26 -28.38
N PRO B 383 0.25 31.88 -29.32
CA PRO B 383 0.89 31.11 -30.40
C PRO B 383 2.05 30.28 -29.88
N GLU B 384 2.46 29.32 -30.70
CA GLU B 384 3.56 28.43 -30.35
C GLU B 384 4.91 28.97 -30.78
N VAL B 385 4.98 29.61 -31.93
CA VAL B 385 6.22 30.23 -32.42
C VAL B 385 6.09 31.73 -32.34
N LEU B 386 7.16 32.44 -32.72
CA LEU B 386 7.17 33.91 -32.69
C LEU B 386 8.08 34.39 -33.83
N LYS B 387 7.50 34.52 -35.01
CA LYS B 387 8.24 35.00 -36.17
C LYS B 387 8.50 36.49 -36.05
N ARG B 388 9.78 36.88 -36.07
CA ARG B 388 10.15 38.29 -35.97
C ARG B 388 10.67 38.72 -37.32
N HIS B 389 11.97 38.62 -37.58
CA HIS B 389 12.52 39.02 -38.88
C HIS B 389 12.60 37.82 -39.82
N GLU B 392 9.93 30.28 -36.18
CA GLU B 392 11.25 30.90 -36.17
C GLU B 392 11.86 30.89 -34.77
N LEU B 393 11.11 31.40 -33.80
CA LEU B 393 11.55 31.45 -32.41
C LEU B 393 10.55 30.75 -31.52
N ILE B 394 11.06 30.10 -30.47
CA ILE B 394 10.20 29.37 -29.54
C ILE B 394 9.58 30.37 -28.56
N ASN B 395 8.24 30.42 -28.55
CA ASN B 395 7.52 31.31 -27.65
C ASN B 395 7.59 30.74 -26.23
N PHE B 396 8.40 31.36 -25.38
CA PHE B 396 8.60 30.87 -24.02
C PHE B 396 7.63 31.47 -23.02
N SER B 397 7.12 32.68 -23.28
CA SER B 397 6.18 33.31 -22.36
C SER B 397 4.89 32.49 -22.24
N LYS B 398 4.49 31.81 -23.32
CA LYS B 398 3.34 30.92 -23.25
C LYS B 398 3.60 29.76 -22.31
N ARG B 399 4.77 29.12 -22.43
CA ARG B 399 5.03 27.96 -21.59
C ARG B 399 5.42 28.37 -20.18
N ARG B 400 5.91 29.59 -19.99
CA ARG B 400 6.20 30.07 -18.65
C ARG B 400 4.92 30.35 -17.88
N LYS B 401 3.91 30.91 -18.55
CA LYS B 401 2.63 31.15 -17.90
C LYS B 401 1.95 29.82 -17.54
N VAL B 402 2.12 28.80 -18.39
CA VAL B 402 1.58 27.48 -18.07
C VAL B 402 2.29 26.90 -16.85
N ALA B 403 3.60 27.12 -16.74
CA ALA B 403 4.34 26.63 -15.58
C ALA B 403 3.92 27.34 -14.30
N GLU B 404 3.46 28.60 -14.41
CA GLU B 404 3.00 29.31 -13.23
C GLU B 404 1.68 28.76 -12.71
N ILE B 405 0.81 28.28 -13.61
CA ILE B 405 -0.47 27.72 -13.18
C ILE B 405 -0.26 26.37 -12.52
N THR B 406 0.62 25.54 -13.09
CA THR B 406 0.91 24.24 -12.48
C THR B 406 1.55 24.40 -11.11
N GLY B 407 2.27 25.49 -10.89
CA GLY B 407 2.85 25.74 -9.57
C GLY B 407 1.81 26.00 -8.50
N GLU B 408 0.65 26.53 -8.89
CA GLU B 408 -0.42 26.76 -7.91
C GLU B 408 -0.98 25.44 -7.40
N ILE B 409 -1.19 24.47 -8.31
CA ILE B 409 -1.68 23.16 -7.89
C ILE B 409 -0.59 22.38 -7.17
N GLN B 410 0.68 22.68 -7.47
CA GLN B 410 1.79 21.88 -6.98
C GLN B 410 2.20 22.22 -5.55
N GLN B 411 1.83 23.42 -5.06
CA GLN B 411 2.28 23.83 -3.74
C GLN B 411 1.67 23.01 -2.60
N TYR B 412 0.76 22.09 -2.90
CA TYR B 412 0.19 21.20 -1.89
C TYR B 412 0.64 19.76 -2.08
N GLN B 413 1.67 19.53 -2.89
CA GLN B 413 2.12 18.18 -3.22
C GLN B 413 3.03 17.57 -2.16
N ASN B 414 3.43 18.34 -1.15
CA ASN B 414 4.49 17.90 -0.24
C ASN B 414 4.00 17.46 1.14
N GLN B 415 2.83 17.90 1.59
CA GLN B 415 2.37 17.57 2.93
C GLN B 415 1.29 16.50 2.87
N PRO B 416 1.48 15.34 3.50
CA PRO B 416 0.45 14.30 3.46
C PRO B 416 -0.60 14.48 4.55
N TYR B 417 -1.59 13.59 4.55
CA TYR B 417 -2.64 13.60 5.57
C TYR B 417 -2.23 12.77 6.78
N CYS B 418 -2.72 13.17 7.94
CA CYS B 418 -2.46 12.46 9.19
C CYS B 418 -3.58 11.44 9.46
N LEU B 419 -3.73 10.51 8.53
CA LEU B 419 -4.75 9.48 8.60
C LEU B 419 -4.16 8.12 8.27
N ARG B 420 -4.73 7.08 8.87
CA ARG B 420 -4.29 5.72 8.64
C ARG B 420 -5.08 5.10 7.49
N VAL B 421 -4.38 4.31 6.67
CA VAL B 421 -4.97 3.69 5.49
C VAL B 421 -5.63 2.38 5.90
N GLU B 422 -6.86 2.17 5.46
CA GLU B 422 -7.56 0.90 5.62
C GLU B 422 -7.45 0.15 4.29
N SER B 423 -6.67 -0.93 4.28
CA SER B 423 -6.33 -1.58 3.02
C SER B 423 -7.56 -2.17 2.32
N ASP B 424 -8.54 -2.66 3.09
CA ASP B 424 -9.73 -3.24 2.48
C ASP B 424 -10.64 -2.17 1.91
N ILE B 425 -10.85 -1.08 2.66
CA ILE B 425 -11.65 0.02 2.14
C ILE B 425 -10.95 0.67 0.95
N LYS B 426 -9.63 0.74 0.98
CA LYS B 426 -8.89 1.26 -0.16
C LYS B 426 -9.07 0.38 -1.39
N ARG B 427 -9.03 -0.94 -1.18
CA ARG B 427 -9.23 -1.86 -2.30
C ARG B 427 -10.69 -1.84 -2.78
N PHE B 428 -11.63 -1.59 -1.87
CA PHE B 428 -13.03 -1.50 -2.26
C PHE B 428 -13.26 -0.34 -3.21
N PHE B 429 -12.68 0.82 -2.90
CA PHE B 429 -12.86 1.99 -3.76
C PHE B 429 -12.01 1.92 -5.02
N GLU B 430 -10.89 1.20 -4.98
CA GLU B 430 -10.11 1.00 -6.20
C GLU B 430 -10.78 0.03 -7.16
N ASN B 431 -11.68 -0.82 -6.66
CA ASN B 431 -12.43 -1.75 -7.49
C ASN B 431 -13.72 -1.13 -8.02
N LEU B 432 -13.92 0.18 -7.83
CA LEU B 432 -15.12 0.83 -8.32
C LEU B 432 -15.13 0.83 -9.85
N ASN B 433 -16.24 0.38 -10.43
CA ASN B 433 -16.43 0.40 -11.88
C ASN B 433 -17.92 0.49 -12.17
N PRO B 434 -18.52 1.66 -11.95
CA PRO B 434 -19.98 1.77 -12.11
C PRO B 434 -20.44 1.61 -13.56
N MET B 435 -19.61 2.01 -14.53
CA MET B 435 -20.02 1.90 -15.93
C MET B 435 -20.09 0.44 -16.38
N GLY B 436 -19.13 -0.37 -15.97
CA GLY B 436 -19.11 -1.76 -16.39
C GLY B 436 -18.61 -1.90 -17.81
N ASN B 437 -19.31 -2.68 -18.61
CA ASN B 437 -18.95 -2.86 -20.02
C ASN B 437 -19.55 -1.80 -20.93
N SER B 438 -20.53 -1.05 -20.46
CA SER B 438 -21.16 -0.02 -21.28
C SER B 438 -20.32 1.25 -21.28
N MET B 439 -20.41 2.00 -22.37
CA MET B 439 -19.68 3.25 -22.49
C MET B 439 -20.24 4.30 -21.53
N GLU B 440 -19.55 5.43 -21.44
CA GLU B 440 -19.97 6.48 -20.52
C GLU B 440 -21.26 7.14 -20.98
N LYS B 441 -21.42 7.31 -22.30
CA LYS B 441 -22.64 7.94 -22.81
C LYS B 441 -23.85 7.04 -22.64
N GLU B 442 -23.69 5.74 -22.92
CA GLU B 442 -24.78 4.80 -22.71
C GLU B 442 -25.13 4.67 -21.23
N PHE B 443 -24.15 4.85 -20.34
CA PHE B 443 -24.41 4.74 -18.92
C PHE B 443 -25.08 5.99 -18.36
N THR B 444 -24.63 7.17 -18.79
CA THR B 444 -25.28 8.40 -18.37
C THR B 444 -26.71 8.48 -18.88
N ASP B 445 -26.95 7.96 -20.09
CA ASP B 445 -28.32 7.87 -20.59
C ASP B 445 -29.14 6.88 -19.75
N TYR B 446 -28.51 5.80 -19.29
CA TYR B 446 -29.20 4.87 -18.40
C TYR B 446 -29.51 5.54 -17.06
N LEU B 447 -28.58 6.35 -16.54
CA LEU B 447 -28.80 7.01 -15.26
C LEU B 447 -29.99 7.97 -15.33
N PHE B 448 -30.12 8.70 -16.43
CA PHE B 448 -31.21 9.65 -16.55
C PHE B 448 -32.55 8.94 -16.76
N ASN B 449 -32.56 7.91 -17.61
CA ASN B 449 -33.79 7.13 -17.78
C ASN B 449 -34.16 6.38 -16.51
N LYS B 450 -33.16 6.00 -15.71
CA LYS B 450 -33.46 5.44 -14.40
C LYS B 450 -34.08 6.48 -13.48
N SER B 451 -33.64 7.73 -13.62
CA SER B 451 -34.24 8.81 -12.84
C SER B 451 -35.68 9.08 -13.25
N LEU B 452 -35.99 8.91 -14.53
CA LEU B 452 -37.37 9.09 -14.99
C LEU B 452 -38.29 7.99 -14.46
N GLU B 453 -37.73 6.82 -14.14
CA GLU B 453 -38.54 5.73 -13.60
C GLU B 453 -38.88 5.96 -12.13
N ILE B 454 -37.87 6.28 -11.32
CA ILE B 454 -38.09 6.42 -9.89
C ILE B 454 -38.91 7.65 -9.57
N GLU B 455 -38.79 8.71 -10.38
CA GLU B 455 -39.59 9.93 -10.20
C GLU B 455 -39.98 10.45 -11.58
N PRO B 456 -41.12 10.02 -12.10
CA PRO B 456 -41.57 10.49 -13.41
C PRO B 456 -41.87 11.98 -13.38
N ARG B 457 -42.09 12.54 -14.58
CA ARG B 457 -42.29 13.96 -14.72
C ARG B 457 -43.65 14.37 -14.15
N ASN B 458 -43.96 15.67 -14.23
CA ASN B 458 -45.10 16.23 -13.53
C ASN B 458 -46.43 15.57 -13.88
N PRO B 459 -46.79 15.35 -15.16
CA PRO B 459 -48.11 14.77 -15.43
C PRO B 459 -48.31 13.38 -14.85
N LYS B 460 -47.29 12.52 -14.95
CA LYS B 460 -47.41 11.16 -14.44
C LYS B 460 -47.25 11.15 -12.91
N PRO B 461 -47.93 10.25 -12.22
CA PRO B 461 -47.85 10.20 -10.76
C PRO B 461 -46.53 9.57 -10.31
N LEU B 462 -46.37 9.49 -8.99
CA LEU B 462 -45.16 8.94 -8.37
C LEU B 462 -45.44 7.55 -7.82
N PRO B 463 -44.98 6.48 -8.45
CA PRO B 463 -45.25 5.14 -7.93
C PRO B 463 -44.41 4.82 -6.70
N ARG B 464 -44.87 3.82 -5.96
CA ARG B 464 -44.19 3.36 -4.76
C ARG B 464 -43.31 2.15 -5.11
N PHE B 465 -42.15 2.07 -4.45
CA PHE B 465 -41.17 1.04 -4.75
C PHE B 465 -40.78 0.30 -3.48
N PRO B 466 -40.47 -0.99 -3.58
CA PRO B 466 -40.10 -1.76 -2.39
C PRO B 466 -38.69 -1.44 -1.92
N LYS B 467 -38.46 -1.76 -0.65
CA LYS B 467 -37.16 -1.53 -0.04
C LYS B 467 -36.13 -2.53 -0.57
N LYS B 468 -34.87 -2.10 -0.60
CA LYS B 468 -33.77 -2.94 -1.08
C LYS B 468 -32.68 -3.16 -0.05
N TYR B 469 -32.65 -2.39 1.04
CA TYR B 469 -31.62 -2.51 2.06
C TYR B 469 -32.21 -3.18 3.30
N SER B 470 -31.63 -4.31 3.70
CA SER B 470 -32.09 -5.07 4.84
C SER B 470 -31.49 -4.60 6.17
N TYR B 471 -30.59 -3.61 6.13
CA TYR B 471 -29.94 -3.09 7.32
C TYR B 471 -30.48 -1.70 7.66
N PRO B 472 -30.31 -1.24 8.89
CA PRO B 472 -30.80 0.09 9.26
C PRO B 472 -30.17 1.18 8.42
N LEU B 473 -30.97 2.21 8.14
CA LEU B 473 -30.55 3.33 7.30
C LEU B 473 -30.12 4.55 8.11
N LYS B 474 -30.24 4.50 9.43
CA LYS B 474 -29.85 5.63 10.27
C LYS B 474 -28.35 5.85 10.19
N SER B 475 -27.95 7.07 9.86
CA SER B 475 -26.52 7.37 9.73
C SER B 475 -25.88 7.49 11.11
N PRO B 476 -24.68 6.95 11.29
CA PRO B 476 -24.02 7.06 12.61
C PRO B 476 -23.55 8.46 12.96
N GLY B 477 -23.46 9.36 11.99
CA GLY B 477 -23.07 10.73 12.22
C GLY B 477 -21.70 11.03 11.62
N VAL B 478 -21.28 12.28 11.82
CA VAL B 478 -19.99 12.76 11.34
C VAL B 478 -19.10 13.20 12.49
N ARG B 479 -19.35 12.69 13.70
CA ARG B 479 -18.48 12.97 14.84
C ARG B 479 -17.62 11.75 15.12
N PRO B 480 -16.30 11.88 15.16
CA PRO B 480 -15.38 10.76 15.42
C PRO B 480 -15.60 10.13 16.79
#